data_5N9W
#
_entry.id   5N9W
#
_cell.length_a   177.633
_cell.length_b   52.806
_cell.length_c   108.861
_cell.angle_alpha   90.00
_cell.angle_beta   105.81
_cell.angle_gamma   90.00
#
_symmetry.space_group_name_H-M   'C 1 2 1'
#
loop_
_entity.id
_entity.type
_entity.pdbx_description
1 polymer 'Adenylation domain'
2 non-polymer 'ACETATE ION'
3 water water
#
_entity_poly.entity_id   1
_entity_poly.type   'polypeptide(L)'
_entity_poly.pdbx_seq_one_letter_code
;MSEKKDQYPSPGYSEFGATLVDLFSRAAMEMPDRTALHIDDEKISYGLLHSWAEGLADLLHDAGVRKGDRVALRMPPGAN
AIAAMLGILRAGAAYVPLDIRNPPARNAFIVTDSQVVALVGDPGDIPEYTGPLVTEENVAALRDREAIKDPGPERPGPQD
VAYIIYTSGTTGRPKGVPVRHGNVTALFEACSRLFSFSADDRWLLFHSMAFDFSVWEIWGALSTGAELVVLPYWTARTPV
ETARVVRDRGITVLNQTPTAFGALTTAVLGEGIDLPELRYVVFGGEKLTPAVVRPWAKRFGLDRPHLINMYGITETTVHA
TFHRLTEDDLAAEDSVIGRPLPGFTHRIVTEDGRDAATGEPGELWLAGPQVSEGYLNRPELTAERFTTGPARDGGAPPPR
YYHSGDLVSRRAGGDLVYQGRADLQVKLRGHRIELSDVEAAVRTHPAVVDAVVWVHEFAPGDSRLVCAYTAQASEEGTGP
DARALRAHVKTVLPSYMQPSQYLALPELPRTINGKADRASVARAFDERR
;
_entity_poly.pdbx_strand_id   A,B
#
loop_
_chem_comp.id
_chem_comp.type
_chem_comp.name
_chem_comp.formula
ACT non-polymer 'ACETATE ION' 'C2 H3 O2 -1'
#
# COMPACT_ATOMS: atom_id res chain seq x y z
N ALA A 18 -19.94 24.07 -3.57
CA ALA A 18 -19.62 23.20 -2.45
C ALA A 18 -18.81 22.00 -2.89
N THR A 19 -19.16 21.40 -4.03
CA THR A 19 -18.34 20.32 -4.59
C THR A 19 -17.80 20.73 -5.97
N LEU A 20 -16.96 19.90 -6.55
CA LEU A 20 -16.39 20.18 -7.85
C LEU A 20 -17.36 19.74 -8.94
N VAL A 21 -18.20 18.77 -8.64
CA VAL A 21 -19.19 18.37 -9.62
C VAL A 21 -20.23 19.47 -9.66
N ASP A 22 -20.44 20.17 -8.55
CA ASP A 22 -21.31 21.33 -8.51
C ASP A 22 -20.70 22.48 -9.30
N LEU A 23 -19.38 22.62 -9.24
CA LEU A 23 -18.69 23.66 -9.98
C LEU A 23 -18.81 23.43 -11.48
N PHE A 24 -18.70 22.19 -11.90
CA PHE A 24 -18.79 21.89 -13.32
C PHE A 24 -20.26 21.98 -13.81
N SER A 25 -21.18 21.62 -12.92
CA SER A 25 -22.61 21.72 -13.16
C SER A 25 -23.05 23.15 -13.54
N ARG A 26 -22.75 24.12 -12.68
CA ARG A 26 -23.00 25.52 -12.92
C ARG A 26 -22.50 25.96 -14.28
N ALA A 27 -21.25 25.64 -14.57
CA ALA A 27 -20.63 26.11 -15.79
C ALA A 27 -21.20 25.41 -17.02
N ALA A 28 -21.44 24.12 -16.94
CA ALA A 28 -22.02 23.39 -18.06
C ALA A 28 -23.47 23.80 -18.31
N MET A 29 -24.21 24.04 -17.24
CA MET A 29 -25.61 24.39 -17.38
C MET A 29 -25.75 25.76 -18.06
N GLU A 30 -24.99 26.72 -17.56
CA GLU A 30 -25.10 28.11 -17.93
C GLU A 30 -24.36 28.50 -19.18
N MET A 31 -23.36 27.72 -19.55
CA MET A 31 -22.58 27.99 -20.75
C MET A 31 -22.27 26.76 -21.57
N PRO A 32 -23.28 25.95 -21.91
CA PRO A 32 -23.04 24.66 -22.56
C PRO A 32 -22.49 24.74 -23.97
N ASP A 33 -22.55 25.91 -24.58
CA ASP A 33 -22.11 26.06 -25.96
C ASP A 33 -20.64 26.40 -26.03
N ARG A 34 -20.10 26.97 -24.95
CA ARG A 34 -18.67 27.30 -24.87
C ARG A 34 -17.77 26.07 -24.94
N THR A 35 -16.58 26.26 -25.48
CA THR A 35 -15.58 25.21 -25.58
C THR A 35 -14.96 24.90 -24.22
N ALA A 36 -15.20 23.69 -23.75
CA ALA A 36 -14.59 23.17 -22.54
C ALA A 36 -13.18 22.68 -22.84
N LEU A 37 -13.03 21.69 -23.71
CA LEU A 37 -11.73 21.14 -24.07
C LEU A 37 -11.35 21.46 -25.51
N HIS A 38 -10.11 21.89 -25.70
CA HIS A 38 -9.59 22.15 -27.03
C HIS A 38 -8.32 21.35 -27.29
N ILE A 39 -8.45 20.23 -27.99
CA ILE A 39 -7.31 19.38 -28.30
C ILE A 39 -6.97 19.48 -29.78
N ASP A 40 -5.89 20.20 -30.08
CA ASP A 40 -5.46 20.55 -31.45
C ASP A 40 -6.50 21.40 -32.17
N ASP A 41 -7.06 20.89 -33.26
CA ASP A 41 -8.09 21.61 -34.01
C ASP A 41 -9.47 21.12 -33.58
N GLU A 42 -9.48 20.30 -32.54
CA GLU A 42 -10.71 19.64 -32.09
C GLU A 42 -11.27 20.23 -30.81
N LYS A 43 -12.59 20.34 -30.74
CA LYS A 43 -13.23 21.05 -29.65
C LYS A 43 -14.37 20.27 -29.02
N ILE A 44 -14.51 20.42 -27.72
CA ILE A 44 -15.56 19.73 -26.98
C ILE A 44 -16.25 20.77 -26.12
N SER A 45 -17.57 20.75 -26.13
CA SER A 45 -18.33 21.83 -25.52
C SER A 45 -18.63 21.43 -24.10
N TYR A 46 -18.90 22.41 -23.26
CA TYR A 46 -19.29 22.11 -21.90
C TYR A 46 -20.47 21.14 -21.87
N GLY A 47 -21.49 21.38 -22.69
CA GLY A 47 -22.69 20.55 -22.70
C GLY A 47 -22.45 19.10 -23.07
N LEU A 48 -21.55 18.85 -24.01
CA LEU A 48 -21.24 17.49 -24.41
C LEU A 48 -20.35 16.77 -23.38
N LEU A 49 -19.36 17.49 -22.86
CA LEU A 49 -18.50 17.00 -21.77
C LEU A 49 -19.35 16.63 -20.58
N HIS A 50 -20.24 17.53 -20.19
CA HIS A 50 -21.18 17.24 -19.13
C HIS A 50 -22.02 15.99 -19.41
N SER A 51 -22.34 15.75 -20.66
CA SER A 51 -23.19 14.62 -21.01
C SER A 51 -22.40 13.31 -21.02
N TRP A 52 -21.21 13.38 -21.61
CA TRP A 52 -20.24 12.32 -21.61
C TRP A 52 -19.91 11.88 -20.19
N ALA A 53 -19.71 12.84 -19.30
CA ALA A 53 -19.26 12.52 -17.95
C ALA A 53 -20.37 11.89 -17.13
N GLU A 54 -21.59 12.36 -17.34
CA GLU A 54 -22.75 11.79 -16.67
C GLU A 54 -23.01 10.36 -17.12
N GLY A 55 -22.65 10.06 -18.36
CA GLY A 55 -22.78 8.69 -18.86
C GLY A 55 -21.75 7.79 -18.21
N LEU A 56 -20.52 8.27 -18.15
CA LEU A 56 -19.44 7.60 -17.44
C LEU A 56 -19.79 7.25 -16.00
N ALA A 57 -20.39 8.20 -15.29
CA ALA A 57 -20.76 7.94 -13.91
C ALA A 57 -21.75 6.80 -13.81
N ASP A 58 -22.78 6.84 -14.66
CA ASP A 58 -23.72 5.74 -14.80
C ASP A 58 -23.01 4.40 -15.06
N LEU A 59 -22.04 4.39 -15.97
CA LEU A 59 -21.20 3.20 -16.20
C LEU A 59 -20.57 2.72 -14.90
N LEU A 60 -19.79 3.59 -14.26
CA LEU A 60 -19.07 3.22 -13.06
C LEU A 60 -19.99 2.68 -12.00
N HIS A 61 -21.09 3.37 -11.78
CA HIS A 61 -22.05 2.90 -10.79
C HIS A 61 -22.48 1.48 -11.11
N ASP A 62 -22.74 1.19 -12.39
CA ASP A 62 -23.07 -0.16 -12.82
C ASP A 62 -21.98 -1.14 -12.38
N ALA A 63 -20.73 -0.82 -12.69
CA ALA A 63 -19.60 -1.64 -12.29
C ALA A 63 -19.46 -1.74 -10.76
N GLY A 64 -20.38 -1.15 -10.04
CA GLY A 64 -20.41 -1.29 -8.60
C GLY A 64 -19.69 -0.19 -7.86
N VAL A 65 -19.13 0.77 -8.60
CA VAL A 65 -18.48 1.92 -7.97
C VAL A 65 -19.51 2.68 -7.17
N ARG A 66 -19.32 2.72 -5.86
CA ARG A 66 -20.21 3.50 -5.00
C ARG A 66 -19.51 4.74 -4.49
N LYS A 67 -20.29 5.61 -3.88
CA LYS A 67 -19.82 6.85 -3.30
C LYS A 67 -18.83 6.65 -2.17
N GLY A 68 -17.72 7.36 -2.22
CA GLY A 68 -16.71 7.24 -1.18
C GLY A 68 -15.66 6.22 -1.52
N ASP A 69 -15.81 5.55 -2.65
CA ASP A 69 -14.78 4.63 -3.09
C ASP A 69 -13.70 5.40 -3.87
N ARG A 70 -12.61 4.73 -4.23
CA ARG A 70 -11.62 5.39 -5.04
C ARG A 70 -11.29 4.61 -6.27
N VAL A 71 -10.95 5.32 -7.32
CA VAL A 71 -10.76 4.71 -8.60
C VAL A 71 -9.42 5.15 -9.18
N ALA A 72 -8.60 4.20 -9.57
CA ALA A 72 -7.37 4.57 -10.23
C ALA A 72 -7.66 5.11 -11.63
N LEU A 73 -6.90 6.13 -12.03
CA LEU A 73 -7.00 6.65 -13.39
C LEU A 73 -5.64 6.65 -14.06
N ARG A 74 -5.50 5.88 -15.11
CA ARG A 74 -4.27 5.84 -15.84
C ARG A 74 -4.45 6.08 -17.33
N MET A 75 -4.27 7.31 -17.79
CA MET A 75 -4.56 7.63 -19.16
C MET A 75 -3.62 8.68 -19.69
N PRO A 76 -3.35 8.64 -21.00
CA PRO A 76 -2.57 9.73 -21.59
C PRO A 76 -3.40 11.00 -21.55
N PRO A 77 -2.78 12.17 -21.32
CA PRO A 77 -3.55 13.41 -21.28
C PRO A 77 -4.42 13.64 -22.53
N GLY A 78 -5.67 14.01 -22.32
CA GLY A 78 -6.57 14.24 -23.42
C GLY A 78 -8.01 14.23 -22.98
N ALA A 79 -8.91 14.31 -23.94
CA ALA A 79 -10.34 14.37 -23.68
C ALA A 79 -10.84 13.22 -22.83
N ASN A 80 -10.44 11.99 -23.16
CA ASN A 80 -10.94 10.82 -22.44
C ASN A 80 -10.54 10.87 -20.97
N ALA A 81 -9.35 11.40 -20.70
CA ALA A 81 -8.84 11.53 -19.35
C ALA A 81 -9.66 12.51 -18.55
N ILE A 82 -9.99 13.66 -19.13
CA ILE A 82 -10.76 14.64 -18.36
C ILE A 82 -12.18 14.13 -18.17
N ALA A 83 -12.74 13.49 -19.19
CA ALA A 83 -14.08 12.95 -19.11
C ALA A 83 -14.17 11.85 -18.05
N ALA A 84 -13.20 10.93 -18.11
CA ALA A 84 -13.03 9.90 -17.09
C ALA A 84 -13.00 10.48 -15.70
N MET A 85 -12.15 11.48 -15.52
CA MET A 85 -12.02 12.14 -14.24
C MET A 85 -13.36 12.76 -13.74
N LEU A 86 -14.09 13.39 -14.63
CA LEU A 86 -15.37 13.98 -14.23
C LEU A 86 -16.41 12.90 -13.93
N GLY A 87 -16.35 11.84 -14.73
CA GLY A 87 -17.12 10.65 -14.48
C GLY A 87 -16.94 10.09 -13.09
N ILE A 88 -15.68 9.81 -12.72
CA ILE A 88 -15.31 9.37 -11.37
C ILE A 88 -15.85 10.28 -10.28
N LEU A 89 -15.63 11.57 -10.42
CA LEU A 89 -16.13 12.52 -9.44
C LEU A 89 -17.66 12.47 -9.31
N ARG A 90 -18.33 12.44 -10.46
CA ARG A 90 -19.78 12.41 -10.54
C ARG A 90 -20.36 11.17 -9.85
N ALA A 91 -19.72 10.02 -10.02
CA ALA A 91 -20.14 8.81 -9.31
C ALA A 91 -19.98 8.88 -7.79
N GLY A 92 -19.28 9.91 -7.29
CA GLY A 92 -19.13 10.10 -5.86
C GLY A 92 -17.81 9.57 -5.31
N ALA A 93 -16.89 9.27 -6.22
CA ALA A 93 -15.67 8.56 -5.92
C ALA A 93 -14.46 9.49 -5.93
N ALA A 94 -13.33 9.02 -5.38
CA ALA A 94 -12.09 9.78 -5.45
C ALA A 94 -11.27 9.21 -6.58
N TYR A 95 -10.62 10.03 -7.37
CA TYR A 95 -9.74 9.48 -8.40
C TYR A 95 -8.30 9.50 -7.91
N VAL A 96 -7.59 8.45 -8.27
CA VAL A 96 -6.19 8.28 -7.89
C VAL A 96 -5.38 8.25 -9.19
N PRO A 97 -4.72 9.36 -9.50
CA PRO A 97 -3.95 9.35 -10.76
C PRO A 97 -2.64 8.54 -10.70
N LEU A 98 -2.49 7.64 -11.65
CA LEU A 98 -1.26 6.91 -11.86
C LEU A 98 -0.55 7.49 -13.06
N ASP A 99 0.60 8.11 -12.82
CA ASP A 99 1.30 8.75 -13.91
C ASP A 99 1.92 7.73 -14.84
N ILE A 100 1.81 8.00 -16.14
CA ILE A 100 2.41 7.18 -17.19
C ILE A 100 3.91 6.94 -16.92
N ARG A 101 4.54 7.87 -16.22
CA ARG A 101 5.96 7.76 -15.89
C ARG A 101 6.20 6.88 -14.67
N ASN A 102 5.13 6.32 -14.10
CA ASN A 102 5.28 5.37 -13.00
C ASN A 102 5.86 4.06 -13.48
N PRO A 103 6.97 3.62 -12.86
CA PRO A 103 7.37 2.22 -13.02
C PRO A 103 6.32 1.34 -12.38
N PRO A 104 6.13 0.13 -12.91
CA PRO A 104 5.15 -0.88 -12.47
C PRO A 104 5.08 -1.11 -10.96
N ALA A 105 6.21 -1.13 -10.28
CA ALA A 105 6.23 -1.38 -8.84
C ALA A 105 5.45 -0.29 -8.12
N ARG A 106 5.64 0.94 -8.58
CA ARG A 106 5.02 2.08 -7.92
C ARG A 106 3.52 2.11 -8.13
N ASN A 107 3.09 1.83 -9.36
CA ASN A 107 1.67 1.74 -9.66
C ASN A 107 0.99 0.70 -8.81
N ALA A 108 1.63 -0.45 -8.73
CA ALA A 108 1.09 -1.56 -7.95
C ALA A 108 1.02 -1.15 -6.48
N PHE A 109 2.06 -0.48 -5.99
CA PHE A 109 2.03 -0.03 -4.61
C PHE A 109 0.87 0.91 -4.36
N ILE A 110 0.75 1.95 -5.18
CA ILE A 110 -0.30 2.95 -5.00
C ILE A 110 -1.71 2.34 -5.05
N VAL A 111 -1.94 1.50 -6.05
CA VAL A 111 -3.23 0.84 -6.22
C VAL A 111 -3.56 -0.04 -5.01
N THR A 112 -2.58 -0.79 -4.52
CA THR A 112 -2.77 -1.57 -3.31
C THR A 112 -2.97 -0.67 -2.10
N ASP A 113 -2.06 0.30 -1.93
CA ASP A 113 -2.06 1.19 -0.76
C ASP A 113 -3.29 2.10 -0.67
N SER A 114 -3.82 2.53 -1.82
CA SER A 114 -5.00 3.38 -1.84
C SER A 114 -6.28 2.57 -1.79
N GLN A 115 -6.16 1.26 -2.01
CA GLN A 115 -7.30 0.34 -1.92
C GLN A 115 -8.37 0.72 -2.93
N VAL A 116 -7.96 0.90 -4.17
CA VAL A 116 -8.89 1.29 -5.20
C VAL A 116 -9.77 0.11 -5.62
N VAL A 117 -11.03 0.41 -5.92
CA VAL A 117 -12.01 -0.61 -6.27
C VAL A 117 -12.15 -0.77 -7.78
N ALA A 118 -11.62 0.16 -8.55
CA ALA A 118 -11.59 0.02 -10.01
C ALA A 118 -10.43 0.79 -10.62
N LEU A 119 -10.17 0.55 -11.87
CA LEU A 119 -9.21 1.32 -12.61
C LEU A 119 -9.84 1.82 -13.88
N VAL A 120 -9.54 3.03 -14.28
CA VAL A 120 -9.91 3.49 -15.60
C VAL A 120 -8.66 3.75 -16.39
N GLY A 121 -8.53 3.15 -17.53
CA GLY A 121 -7.36 3.39 -18.33
C GLY A 121 -6.76 2.12 -18.84
N ASP A 122 -5.46 2.14 -19.02
CA ASP A 122 -4.68 1.08 -19.60
C ASP A 122 -3.76 0.53 -18.60
N PRO A 123 -4.05 -0.76 -18.13
CA PRO A 123 -3.02 -1.29 -17.25
C PRO A 123 -1.66 -1.81 -17.69
N GLY A 124 -0.61 -1.19 -17.18
CA GLY A 124 0.73 -1.75 -17.20
C GLY A 124 1.12 -2.18 -15.78
N TYR A 129 -2.61 -5.87 -12.30
CA TYR A 129 -3.95 -5.51 -11.83
C TYR A 129 -4.96 -6.58 -12.22
N THR A 130 -6.04 -6.66 -11.43
CA THR A 130 -7.04 -7.68 -11.64
C THR A 130 -8.48 -7.22 -11.39
N GLY A 131 -8.65 -5.99 -10.91
CA GLY A 131 -9.97 -5.46 -10.61
C GLY A 131 -10.78 -5.08 -11.83
N PRO A 132 -11.93 -4.43 -11.61
CA PRO A 132 -12.81 -3.96 -12.69
C PRO A 132 -12.10 -2.99 -13.60
N LEU A 133 -12.11 -3.27 -14.89
CA LEU A 133 -11.40 -2.42 -15.83
C LEU A 133 -12.37 -1.77 -16.81
N VAL A 134 -12.46 -0.43 -16.75
CA VAL A 134 -13.08 0.37 -17.79
C VAL A 134 -11.98 0.79 -18.73
N THR A 135 -11.96 0.34 -19.96
CA THR A 135 -10.84 0.70 -20.81
C THR A 135 -10.95 2.14 -21.30
N GLU A 136 -10.01 2.57 -22.12
CA GLU A 136 -10.10 3.87 -22.76
C GLU A 136 -11.18 3.80 -23.81
N GLU A 137 -11.14 2.73 -24.59
CA GLU A 137 -12.16 2.44 -25.60
C GLU A 137 -13.55 2.57 -24.99
N ASN A 138 -13.77 1.88 -23.88
CA ASN A 138 -14.98 2.04 -23.07
C ASN A 138 -15.35 3.49 -22.79
N VAL A 139 -14.36 4.31 -22.44
CA VAL A 139 -14.60 5.71 -22.15
C VAL A 139 -14.94 6.46 -23.44
N ALA A 140 -14.15 6.23 -24.47
CA ALA A 140 -14.35 6.88 -25.76
C ALA A 140 -15.75 6.68 -26.35
N ALA A 141 -16.38 5.56 -26.06
CA ALA A 141 -17.67 5.23 -26.67
C ALA A 141 -18.79 6.12 -26.13
N LEU A 142 -18.76 6.41 -24.84
CA LEU A 142 -19.84 7.16 -24.21
C LEU A 142 -19.92 8.62 -24.66
N ARG A 143 -18.92 9.07 -25.39
CA ARG A 143 -18.85 10.46 -25.84
C ARG A 143 -20.13 10.88 -26.55
N ASP A 144 -20.48 10.15 -27.60
CA ASP A 144 -21.76 10.37 -28.29
C ASP A 144 -22.78 9.35 -27.77
N ARG A 145 -23.44 9.70 -26.68
CA ARG A 145 -24.39 8.81 -26.01
C ARG A 145 -25.33 9.64 -25.14
N GLY A 152 -29.63 11.07 -11.06
CA GLY A 152 -28.87 9.93 -11.50
C GLY A 152 -28.29 9.20 -10.32
N PRO A 153 -26.97 8.89 -10.35
CA PRO A 153 -26.30 8.34 -9.17
C PRO A 153 -26.11 9.44 -8.15
N GLU A 154 -25.96 9.05 -6.89
CA GLU A 154 -25.84 9.99 -5.79
C GLU A 154 -24.63 10.91 -5.91
N ARG A 155 -24.79 12.15 -5.47
CA ARG A 155 -23.76 13.16 -5.62
C ARG A 155 -22.84 13.30 -4.41
N PRO A 156 -21.54 13.47 -4.66
CA PRO A 156 -20.55 13.73 -3.61
C PRO A 156 -20.95 14.90 -2.76
N GLY A 157 -20.51 14.95 -1.51
CA GLY A 157 -20.65 16.13 -0.66
C GLY A 157 -19.28 16.79 -0.50
N PRO A 158 -19.23 17.94 0.17
CA PRO A 158 -17.97 18.64 0.44
C PRO A 158 -16.95 17.84 1.30
N GLN A 159 -17.41 17.06 2.27
CA GLN A 159 -16.50 16.18 3.05
C GLN A 159 -15.97 14.99 2.27
N ASP A 160 -16.48 14.76 1.06
CA ASP A 160 -16.04 13.59 0.32
C ASP A 160 -14.74 13.84 -0.45
N VAL A 161 -13.92 12.80 -0.56
CA VAL A 161 -12.60 12.92 -1.18
C VAL A 161 -12.73 13.06 -2.69
N ALA A 162 -12.08 14.07 -3.25
CA ALA A 162 -12.04 14.29 -4.68
C ALA A 162 -10.89 13.54 -5.35
N TYR A 163 -9.71 13.69 -4.77
CA TYR A 163 -8.54 12.97 -5.27
C TYR A 163 -7.53 12.58 -4.20
N ILE A 164 -6.69 11.63 -4.55
CA ILE A 164 -5.65 11.15 -3.68
C ILE A 164 -4.38 11.19 -4.48
N ILE A 165 -3.54 12.16 -4.16
CA ILE A 165 -2.30 12.29 -4.90
C ILE A 165 -1.12 11.93 -4.00
N TYR A 166 -0.13 11.31 -4.60
CA TYR A 166 1.04 10.80 -3.89
C TYR A 166 2.28 11.67 -4.05
N THR A 167 2.83 12.13 -2.92
CA THR A 167 4.16 12.75 -2.86
C THR A 167 5.20 11.76 -2.33
N SER A 168 6.44 11.91 -2.79
CA SER A 168 7.58 11.15 -2.29
C SER A 168 8.66 12.11 -1.81
N GLY A 172 12.93 7.01 -0.31
CA GLY A 172 11.63 7.66 -0.29
C GLY A 172 10.44 6.70 -0.32
N ARG A 173 9.60 6.78 0.71
CA ARG A 173 8.36 6.01 0.76
C ARG A 173 7.18 6.91 0.41
N PRO A 174 6.46 6.58 -0.67
CA PRO A 174 5.47 7.53 -1.15
C PRO A 174 4.19 7.50 -0.34
N LYS A 175 3.68 8.66 0.05
CA LYS A 175 2.42 8.71 0.79
C LYS A 175 1.30 9.39 0.01
N GLY A 176 0.07 9.04 0.34
CA GLY A 176 -1.08 9.61 -0.32
C GLY A 176 -1.64 10.77 0.48
N VAL A 177 -1.99 11.83 -0.24
CA VAL A 177 -2.71 12.97 0.33
C VAL A 177 -4.12 12.95 -0.25
N PRO A 178 -5.15 12.77 0.60
CA PRO A 178 -6.52 12.81 0.08
C PRO A 178 -7.19 14.16 0.25
N VAL A 179 -7.49 14.80 -0.87
CA VAL A 179 -8.02 16.15 -0.83
C VAL A 179 -9.51 16.07 -1.08
N ARG A 180 -10.29 16.75 -0.23
CA ARG A 180 -11.74 16.70 -0.28
C ARG A 180 -12.33 17.81 -1.17
N HIS A 181 -13.54 17.59 -1.68
CA HIS A 181 -14.26 18.60 -2.48
C HIS A 181 -14.27 19.99 -1.84
N GLY A 182 -14.59 20.03 -0.55
CA GLY A 182 -14.49 21.26 0.22
C GLY A 182 -13.10 21.88 0.23
N ASN A 183 -12.05 21.06 0.22
CA ASN A 183 -10.71 21.63 0.14
C ASN A 183 -10.51 22.34 -1.19
N VAL A 184 -10.86 21.68 -2.29
CA VAL A 184 -10.66 22.32 -3.58
C VAL A 184 -11.54 23.55 -3.82
N THR A 185 -12.82 23.49 -3.47
CA THR A 185 -13.66 24.67 -3.69
C THR A 185 -13.23 25.77 -2.75
N ALA A 186 -12.72 25.43 -1.58
CA ALA A 186 -12.13 26.46 -0.70
C ALA A 186 -10.99 27.20 -1.41
N LEU A 187 -10.20 26.48 -2.21
CA LEU A 187 -9.08 27.11 -2.92
C LEU A 187 -9.57 28.18 -3.90
N PHE A 188 -10.63 27.87 -4.65
CA PHE A 188 -11.09 28.79 -5.67
C PHE A 188 -11.89 29.95 -5.08
N GLU A 189 -12.64 29.73 -4.01
CA GLU A 189 -13.18 30.86 -3.27
C GLU A 189 -12.07 31.75 -2.70
N ALA A 190 -10.95 31.15 -2.29
CA ALA A 190 -9.85 31.94 -1.72
C ALA A 190 -9.15 32.76 -2.77
N CYS A 191 -9.08 32.25 -3.99
CA CYS A 191 -8.40 32.95 -5.08
C CYS A 191 -9.28 33.96 -5.81
N SER A 192 -10.55 33.99 -5.40
CA SER A 192 -11.63 34.77 -5.99
C SER A 192 -11.32 36.21 -6.37
N ARG A 193 -10.69 36.93 -5.45
CA ARG A 193 -10.53 38.36 -5.65
C ARG A 193 -9.08 38.75 -5.83
N LEU A 194 -8.23 37.74 -5.80
CA LEU A 194 -6.81 37.87 -6.07
C LEU A 194 -6.53 37.87 -7.57
N PHE A 195 -7.15 36.92 -8.26
CA PHE A 195 -7.08 36.85 -9.70
C PHE A 195 -8.34 37.44 -10.28
N SER A 196 -8.28 37.85 -11.54
CA SER A 196 -9.48 38.20 -12.27
C SER A 196 -9.68 37.19 -13.38
N PHE A 197 -10.39 36.12 -13.08
CA PHE A 197 -10.66 35.09 -14.07
C PHE A 197 -12.04 35.28 -14.66
N SER A 198 -12.22 34.87 -15.91
CA SER A 198 -13.57 34.86 -16.50
C SER A 198 -13.72 33.76 -17.51
N ALA A 199 -14.92 33.62 -18.05
CA ALA A 199 -15.22 32.59 -19.03
C ALA A 199 -14.42 32.79 -20.32
N ASP A 200 -13.96 34.02 -20.53
CA ASP A 200 -13.15 34.32 -21.68
C ASP A 200 -11.72 33.75 -21.68
N ASP A 201 -11.21 33.35 -20.51
CA ASP A 201 -9.83 32.88 -20.39
C ASP A 201 -9.60 31.57 -21.13
N ARG A 202 -8.33 31.30 -21.42
CA ARG A 202 -7.84 30.04 -21.96
C ARG A 202 -6.72 29.48 -21.08
N TRP A 203 -7.01 28.42 -20.34
CA TRP A 203 -6.04 27.76 -19.48
C TRP A 203 -5.30 26.68 -20.25
N LEU A 204 -3.98 26.59 -20.06
CA LEU A 204 -3.23 25.48 -20.63
C LEU A 204 -3.11 24.33 -19.63
N LEU A 205 -3.36 23.09 -20.04
CA LEU A 205 -3.11 21.95 -19.15
C LEU A 205 -1.74 21.39 -19.51
N PHE A 206 -0.75 21.74 -18.67
CA PHE A 206 0.66 21.49 -18.95
C PHE A 206 1.25 20.39 -18.04
N HIS A 207 0.56 20.08 -16.96
CA HIS A 207 1.12 19.20 -15.97
C HIS A 207 0.39 17.88 -15.86
N SER A 208 1.10 16.88 -15.35
CA SER A 208 0.57 15.53 -15.23
C SER A 208 -0.60 15.52 -14.28
N MET A 209 -1.58 14.68 -14.54
CA MET A 209 -2.68 14.60 -13.61
C MET A 209 -2.27 14.00 -12.27
N ALA A 210 -1.04 13.49 -12.16
CA ALA A 210 -0.56 13.01 -10.86
C ALA A 210 0.09 14.14 -10.02
N PHE A 211 0.47 15.22 -10.70
CA PHE A 211 0.92 16.47 -10.08
C PHE A 211 -0.32 17.35 -9.83
N ASP A 212 -0.52 17.81 -8.60
CA ASP A 212 -1.74 18.48 -8.22
C ASP A 212 -1.84 19.90 -8.76
N PHE A 213 -0.74 20.42 -9.29
CA PHE A 213 -0.79 21.65 -10.05
C PHE A 213 -1.87 21.52 -11.13
N SER A 214 -1.98 20.33 -11.70
CA SER A 214 -2.95 20.02 -12.74
C SER A 214 -4.41 20.18 -12.30
N VAL A 215 -4.68 20.13 -11.01
CA VAL A 215 -6.01 20.27 -10.44
C VAL A 215 -6.41 21.72 -10.59
N TRP A 216 -5.45 22.59 -10.37
CA TRP A 216 -5.67 23.99 -10.44
C TRP A 216 -5.84 24.43 -11.89
N GLU A 217 -5.11 23.79 -12.79
CA GLU A 217 -5.23 24.02 -14.20
C GLU A 217 -6.64 23.64 -14.69
N ILE A 218 -7.01 22.39 -14.44
CA ILE A 218 -8.30 21.89 -14.89
C ILE A 218 -9.48 22.67 -14.31
N TRP A 219 -9.50 22.95 -13.01
CA TRP A 219 -10.66 23.60 -12.42
C TRP A 219 -10.57 25.11 -12.47
N GLY A 220 -9.42 25.64 -12.84
CA GLY A 220 -9.35 27.03 -13.22
C GLY A 220 -10.30 27.27 -14.40
N ALA A 221 -10.16 26.49 -15.46
CA ALA A 221 -11.02 26.67 -16.62
C ALA A 221 -12.45 26.19 -16.37
N LEU A 222 -12.60 24.91 -16.04
CA LEU A 222 -13.88 24.24 -15.89
C LEU A 222 -14.89 24.83 -14.88
N SER A 223 -14.44 25.69 -13.97
CA SER A 223 -15.38 26.27 -13.03
C SER A 223 -15.78 27.68 -13.43
N THR A 224 -15.23 28.18 -14.53
CA THR A 224 -15.47 29.54 -14.96
C THR A 224 -16.12 29.59 -16.35
N GLY A 225 -16.19 28.46 -17.03
CA GLY A 225 -16.69 28.46 -18.40
C GLY A 225 -15.56 28.67 -19.40
N ALA A 226 -14.33 28.83 -18.88
CA ALA A 226 -13.15 29.08 -19.68
C ALA A 226 -12.73 27.90 -20.53
N GLU A 227 -11.75 28.10 -21.38
CA GLU A 227 -11.25 27.02 -22.22
C GLU A 227 -10.02 26.31 -21.62
N LEU A 228 -9.97 24.98 -21.76
CA LEU A 228 -8.80 24.22 -21.35
C LEU A 228 -8.09 23.64 -22.57
N VAL A 229 -6.92 24.18 -22.90
CA VAL A 229 -6.11 23.61 -23.96
C VAL A 229 -5.29 22.41 -23.43
N VAL A 230 -5.48 21.22 -23.99
CA VAL A 230 -4.75 20.05 -23.57
C VAL A 230 -3.66 19.74 -24.58
N LEU A 231 -2.41 19.61 -24.15
CA LEU A 231 -1.34 19.24 -25.09
C LEU A 231 -1.46 17.77 -25.53
N THR A 238 9.23 19.77 -27.28
CA THR A 238 10.22 20.84 -27.32
C THR A 238 9.64 22.11 -26.72
N PRO A 239 10.47 22.90 -26.04
CA PRO A 239 10.08 24.22 -25.53
C PRO A 239 9.63 25.18 -26.62
N VAL A 240 10.30 25.14 -27.77
CA VAL A 240 9.91 25.91 -28.93
C VAL A 240 8.48 25.59 -29.36
N GLU A 241 8.20 24.30 -29.50
CA GLU A 241 6.89 23.82 -29.90
C GLU A 241 5.82 24.22 -28.88
N THR A 242 6.12 24.06 -27.60
CA THR A 242 5.23 24.49 -26.51
C THR A 242 4.97 25.98 -26.60
N ALA A 243 6.01 26.72 -26.92
CA ALA A 243 5.86 28.17 -26.99
C ALA A 243 4.95 28.56 -28.15
N ARG A 244 5.14 27.92 -29.30
CA ARG A 244 4.27 28.09 -30.47
C ARG A 244 2.77 27.96 -30.16
N VAL A 245 2.36 26.95 -29.38
CA VAL A 245 0.94 26.80 -29.09
C VAL A 245 0.46 27.75 -28.01
N VAL A 246 1.35 28.26 -27.15
CA VAL A 246 0.88 29.24 -26.17
C VAL A 246 0.44 30.52 -26.91
N ARG A 247 1.17 30.92 -27.94
CA ARG A 247 0.67 32.03 -28.75
C ARG A 247 -0.49 31.55 -29.61
N ASP A 248 -0.32 30.41 -30.30
CA ASP A 248 -1.27 30.01 -31.33
C ASP A 248 -2.65 29.65 -30.78
N ARG A 249 -2.72 29.31 -29.50
CA ARG A 249 -3.96 28.93 -28.88
C ARG A 249 -4.47 30.08 -28.03
N GLY A 250 -3.73 31.19 -28.05
CA GLY A 250 -4.12 32.36 -27.30
C GLY A 250 -4.31 32.11 -25.81
N ILE A 251 -3.38 31.37 -25.22
CA ILE A 251 -3.38 31.10 -23.78
C ILE A 251 -3.34 32.38 -22.99
N THR A 252 -4.20 32.50 -21.99
CA THR A 252 -4.26 33.69 -21.17
C THR A 252 -3.78 33.40 -19.73
N VAL A 253 -3.91 32.16 -19.30
CA VAL A 253 -3.48 31.74 -17.97
C VAL A 253 -2.48 30.61 -18.10
N LEU A 254 -1.20 30.93 -17.90
CA LEU A 254 -0.13 29.94 -18.01
C LEU A 254 0.38 29.58 -16.60
N ASN A 255 0.46 28.28 -16.34
CA ASN A 255 0.96 27.75 -15.08
C ASN A 255 2.31 27.02 -15.30
N GLN A 256 3.36 27.47 -14.62
CA GLN A 256 4.70 26.88 -14.79
C GLN A 256 5.41 26.61 -13.47
N THR A 257 6.31 25.64 -13.49
CA THR A 257 7.36 25.49 -12.51
C THR A 257 8.56 26.29 -13.03
N PRO A 258 9.48 26.70 -12.14
CA PRO A 258 10.65 27.50 -12.53
C PRO A 258 11.57 26.86 -13.55
N THR A 259 11.73 25.54 -13.48
CA THR A 259 12.55 24.83 -14.43
C THR A 259 11.95 24.89 -15.83
N ALA A 260 10.65 24.70 -15.91
CA ALA A 260 9.99 24.69 -17.20
C ALA A 260 9.98 26.09 -17.79
N PHE A 261 9.85 27.10 -16.92
CA PHE A 261 9.74 28.50 -17.33
C PHE A 261 11.02 29.05 -17.93
N GLY A 262 12.16 28.61 -17.41
CA GLY A 262 13.45 28.98 -17.97
C GLY A 262 13.63 28.42 -19.37
N ALA A 263 13.24 27.18 -19.57
CA ALA A 263 13.29 26.58 -20.89
C ALA A 263 12.31 27.25 -21.85
N LEU A 264 11.19 27.69 -21.31
CA LEU A 264 10.19 28.36 -22.12
C LEU A 264 10.71 29.73 -22.54
N THR A 265 11.25 30.48 -21.58
CA THR A 265 11.79 31.81 -21.82
C THR A 265 12.94 31.80 -22.82
N THR A 266 13.74 30.75 -22.82
CA THR A 266 14.84 30.66 -23.78
C THR A 266 14.29 30.44 -25.19
N ALA A 267 13.28 29.61 -25.33
CA ALA A 267 12.64 29.41 -26.61
C ALA A 267 11.90 30.67 -27.09
N VAL A 268 11.17 31.31 -26.19
CA VAL A 268 10.44 32.50 -26.54
C VAL A 268 11.37 33.63 -26.97
N LEU A 269 12.37 33.98 -26.16
CA LEU A 269 13.36 34.98 -26.55
C LEU A 269 14.11 34.59 -27.82
N GLY A 270 14.42 33.32 -27.97
CA GLY A 270 15.17 32.88 -29.14
C GLY A 270 14.49 33.02 -30.50
N GLU A 271 13.20 32.71 -30.53
CA GLU A 271 12.43 32.76 -31.76
C GLU A 271 11.80 34.12 -32.00
N GLY A 272 11.59 34.88 -30.94
CA GLY A 272 11.03 36.20 -31.08
C GLY A 272 9.53 36.16 -30.91
N ILE A 273 9.07 35.07 -30.33
CA ILE A 273 7.66 34.85 -30.08
C ILE A 273 7.11 35.93 -29.16
N ASP A 274 5.95 36.46 -29.49
CA ASP A 274 5.27 37.41 -28.63
C ASP A 274 3.97 36.81 -28.16
N LEU A 275 3.56 37.10 -26.94
CA LEU A 275 2.35 36.51 -26.40
C LEU A 275 1.34 37.55 -25.88
N PRO A 276 0.74 38.34 -26.79
CA PRO A 276 -0.17 39.42 -26.42
C PRO A 276 -1.37 38.97 -25.58
N GLU A 277 -1.80 37.72 -25.71
CA GLU A 277 -2.96 37.20 -25.00
C GLU A 277 -2.72 36.80 -23.54
N LEU A 278 -1.47 36.60 -23.19
CA LEU A 278 -1.10 36.04 -21.88
C LEU A 278 -1.38 37.00 -20.74
N ARG A 279 -2.22 36.61 -19.79
CA ARG A 279 -2.60 37.52 -18.72
C ARG A 279 -1.85 37.21 -17.40
N TYR A 280 -1.80 35.93 -17.04
CA TYR A 280 -1.11 35.47 -15.83
C TYR A 280 -0.16 34.33 -16.14
N VAL A 281 1.09 34.46 -15.67
CA VAL A 281 1.94 33.30 -15.47
C VAL A 281 1.96 33.04 -13.96
N VAL A 282 1.63 31.81 -13.58
CA VAL A 282 1.56 31.44 -12.17
C VAL A 282 2.62 30.36 -11.88
N PHE A 283 3.34 30.51 -10.76
CA PHE A 283 4.52 29.70 -10.51
C PHE A 283 4.29 28.71 -9.40
N GLY A 284 4.43 27.42 -9.67
CA GLY A 284 4.32 26.42 -8.63
C GLY A 284 5.54 25.53 -8.63
N GLY A 285 5.55 24.50 -7.80
CA GLY A 285 6.67 23.57 -7.78
C GLY A 285 7.81 24.03 -6.90
N GLU A 286 9.01 24.09 -7.46
CA GLU A 286 10.20 24.48 -6.69
C GLU A 286 10.17 25.96 -6.31
N LYS A 287 11.03 26.35 -5.38
CA LYS A 287 11.27 27.75 -5.04
C LYS A 287 11.63 28.55 -6.28
N LEU A 288 11.04 29.73 -6.40
CA LEU A 288 11.32 30.61 -7.54
C LEU A 288 12.39 31.65 -7.18
N THR A 289 13.46 31.71 -7.97
CA THR A 289 14.49 32.72 -7.78
C THR A 289 14.28 33.87 -8.76
N PRO A 290 14.57 35.11 -8.33
CA PRO A 290 14.53 36.23 -9.27
C PRO A 290 15.29 35.92 -10.56
N ALA A 291 16.36 35.14 -10.50
CA ALA A 291 17.18 34.87 -11.68
C ALA A 291 16.47 34.23 -12.86
N VAL A 292 15.48 33.36 -12.64
CA VAL A 292 14.74 32.76 -13.76
C VAL A 292 13.70 33.73 -14.32
N VAL A 293 13.38 34.75 -13.56
CA VAL A 293 12.33 35.68 -13.92
C VAL A 293 12.90 36.87 -14.69
N ARG A 294 14.13 37.25 -14.39
CA ARG A 294 14.74 38.46 -14.93
C ARG A 294 14.78 38.56 -16.47
N PRO A 295 15.15 37.48 -17.18
CA PRO A 295 15.20 37.69 -18.64
C PRO A 295 13.83 37.93 -19.28
N TRP A 296 12.84 37.13 -18.89
CA TRP A 296 11.45 37.38 -19.22
C TRP A 296 11.05 38.82 -18.95
N ALA A 297 11.28 39.26 -17.72
CA ALA A 297 10.95 40.62 -17.25
C ALA A 297 11.64 41.72 -18.03
N LYS A 298 12.75 41.38 -18.66
CA LYS A 298 13.47 42.30 -19.52
C LYS A 298 12.69 42.52 -20.80
N ARG A 299 12.17 41.43 -21.34
CA ARG A 299 11.45 41.44 -22.63
C ARG A 299 10.02 41.95 -22.52
N PHE A 300 9.36 41.58 -21.44
CA PHE A 300 7.91 41.78 -21.32
C PHE A 300 7.50 42.73 -20.22
N GLY A 301 8.40 42.98 -19.26
CA GLY A 301 8.02 43.72 -18.07
C GLY A 301 7.15 42.90 -17.15
N LEU A 302 6.63 43.51 -16.08
CA LEU A 302 5.83 42.80 -15.10
C LEU A 302 4.36 43.25 -15.06
N ASP A 303 3.95 44.03 -16.05
CA ASP A 303 2.58 44.52 -16.10
C ASP A 303 1.71 43.61 -16.94
N ARG A 304 2.28 43.04 -18.00
CA ARG A 304 1.54 42.09 -18.81
C ARG A 304 2.45 41.10 -19.49
N PRO A 305 2.33 39.83 -19.14
CA PRO A 305 1.41 39.28 -18.13
C PRO A 305 1.81 39.59 -16.70
N HIS A 306 0.91 39.34 -15.76
CA HIS A 306 1.26 39.37 -14.35
C HIS A 306 2.05 38.12 -14.04
N LEU A 307 3.14 38.28 -13.31
CA LEU A 307 3.90 37.15 -12.80
C LEU A 307 3.57 36.96 -11.32
N ILE A 308 3.05 35.79 -11.00
CA ILE A 308 2.56 35.51 -9.66
C ILE A 308 3.18 34.24 -9.11
N ASN A 309 3.82 34.41 -7.96
CA ASN A 309 4.40 33.31 -7.22
C ASN A 309 3.40 32.80 -6.23
N MET A 310 3.25 31.48 -6.19
CA MET A 310 2.37 30.87 -5.23
C MET A 310 3.14 29.75 -4.55
N TYR A 311 3.28 29.85 -3.24
CA TYR A 311 3.83 28.77 -2.48
C TYR A 311 2.73 27.78 -2.23
N GLY A 312 3.00 26.51 -2.43
CA GLY A 312 2.01 25.51 -2.13
C GLY A 312 2.54 24.15 -1.76
N ILE A 313 1.70 23.43 -1.03
CA ILE A 313 1.94 22.04 -0.75
C ILE A 313 0.68 21.24 -1.02
N THR A 314 0.87 20.01 -1.48
CA THR A 314 -0.20 19.06 -1.66
C THR A 314 -1.14 19.01 -0.45
N GLU A 315 -0.55 18.92 0.74
CA GLU A 315 -1.31 18.78 1.98
C GLU A 315 -2.23 19.94 2.30
N THR A 316 -2.13 21.04 1.57
CA THR A 316 -3.02 22.19 1.77
C THR A 316 -3.66 22.66 0.44
N THR A 317 -3.94 21.69 -0.44
CA THR A 317 -4.57 21.92 -1.74
C THR A 317 -3.90 22.85 -2.74
N VAL A 318 -2.80 22.40 -3.31
CA VAL A 318 -2.13 23.10 -4.40
C VAL A 318 -1.44 24.40 -3.98
N HIS A 319 -2.22 25.42 -3.59
CA HIS A 319 -1.62 26.74 -3.33
C HIS A 319 -1.95 27.24 -1.94
N ALA A 320 -1.04 27.98 -1.32
CA ALA A 320 -1.28 28.45 0.04
C ALA A 320 -0.95 29.94 0.21
N THR A 321 -0.16 30.50 -0.71
CA THR A 321 0.17 31.92 -0.67
C THR A 321 0.09 32.53 -2.05
N PHE A 322 0.14 33.86 -2.10
CA PHE A 322 0.06 34.63 -3.35
C PHE A 322 1.03 35.81 -3.25
N HIS A 323 1.91 35.88 -4.22
CA HIS A 323 2.72 37.08 -4.37
C HIS A 323 2.76 37.49 -5.83
N ARG A 324 2.37 38.72 -6.10
CA ARG A 324 2.54 39.29 -7.43
C ARG A 324 3.91 39.96 -7.53
N LEU A 325 4.71 39.51 -8.48
CA LEU A 325 6.10 39.97 -8.55
C LEU A 325 6.22 41.43 -9.05
N THR A 326 7.17 42.15 -8.47
CA THR A 326 7.43 43.56 -8.76
C THR A 326 8.92 43.80 -9.06
N GLU A 327 9.28 45.00 -9.50
CA GLU A 327 10.68 45.31 -9.79
C GLU A 327 11.55 45.10 -8.55
N ASP A 328 10.97 45.36 -7.38
CA ASP A 328 11.64 45.12 -6.11
C ASP A 328 12.19 43.70 -6.04
N ASP A 329 11.38 42.73 -6.41
CA ASP A 329 11.76 41.32 -6.31
C ASP A 329 12.94 40.98 -7.22
N LEU A 330 13.18 41.78 -8.24
CA LEU A 330 14.26 41.50 -9.18
C LEU A 330 15.54 42.22 -8.80
N ALA A 331 15.41 43.19 -7.90
CA ALA A 331 16.56 43.91 -7.36
C ALA A 331 17.34 43.06 -6.34
N ALA A 332 16.64 42.17 -5.62
CA ALA A 332 17.27 41.33 -4.60
C ALA A 332 17.31 39.85 -5.01
N GLU A 333 17.68 38.98 -4.09
CA GLU A 333 17.69 37.56 -4.41
C GLU A 333 16.75 36.76 -3.51
N ASP A 334 15.96 37.43 -2.69
CA ASP A 334 14.99 36.75 -1.85
C ASP A 334 13.80 36.19 -2.62
N SER A 335 13.39 34.98 -2.24
CA SER A 335 12.23 34.33 -2.83
C SER A 335 10.94 34.68 -2.11
N VAL A 336 10.32 35.79 -2.49
CA VAL A 336 9.10 36.23 -1.83
C VAL A 336 7.90 35.36 -2.27
N ILE A 337 7.16 34.85 -1.29
CA ILE A 337 5.97 34.08 -1.58
C ILE A 337 4.74 34.86 -1.15
N GLY A 338 4.96 36.02 -0.56
CA GLY A 338 3.85 36.90 -0.22
C GLY A 338 3.07 36.49 1.00
N ARG A 339 1.74 36.54 0.89
CA ARG A 339 0.83 36.31 2.01
C ARG A 339 -0.02 35.07 1.83
N PRO A 340 -0.25 34.29 2.90
CA PRO A 340 -1.15 33.14 2.75
C PRO A 340 -2.56 33.49 2.25
N LEU A 341 -3.19 32.54 1.57
CA LEU A 341 -4.50 32.77 0.98
C LEU A 341 -5.56 33.04 2.06
N PRO A 342 -6.57 33.88 1.71
CA PRO A 342 -7.68 34.34 2.56
C PRO A 342 -8.31 33.35 3.55
N GLY A 343 -8.42 32.07 3.28
CA GLY A 343 -9.00 31.22 4.31
C GLY A 343 -8.07 30.73 5.41
N PHE A 344 -6.79 31.04 5.26
CA PHE A 344 -5.71 30.47 6.07
C PHE A 344 -5.39 31.22 7.33
N THR A 345 -5.24 30.49 8.44
CA THR A 345 -4.55 31.05 9.59
C THR A 345 -3.16 30.41 9.64
N HIS A 346 -2.18 31.14 10.15
CA HIS A 346 -0.84 30.59 10.16
C HIS A 346 0.00 30.99 11.36
N ARG A 347 1.11 30.29 11.52
CA ARG A 347 2.13 30.58 12.51
C ARG A 347 3.49 30.36 11.84
N ILE A 348 4.51 31.03 12.34
CA ILE A 348 5.90 30.75 11.98
C ILE A 348 6.56 30.26 13.26
N VAL A 349 6.86 28.96 13.37
CA VAL A 349 7.25 28.43 14.67
C VAL A 349 8.74 28.09 14.81
N THR A 350 9.26 28.47 15.97
CA THR A 350 10.66 28.25 16.31
C THR A 350 10.87 26.78 16.65
N GLU A 351 12.12 26.39 16.83
CA GLU A 351 12.43 25.00 17.13
C GLU A 351 11.76 24.48 18.40
N ASP A 352 11.48 25.36 19.36
CA ASP A 352 10.87 24.87 20.59
C ASP A 352 9.43 25.35 20.75
N GLY A 353 8.81 25.68 19.62
CA GLY A 353 7.37 25.82 19.55
C GLY A 353 6.81 27.21 19.74
N ARG A 354 7.63 28.23 19.57
CA ARG A 354 7.21 29.62 19.73
C ARG A 354 6.97 30.33 18.42
N ASP A 355 6.23 31.42 18.49
CA ASP A 355 6.06 32.30 17.34
C ASP A 355 7.38 33.03 17.06
N ALA A 356 7.78 33.06 15.80
CA ALA A 356 9.05 33.66 15.43
C ALA A 356 8.94 35.18 15.29
N ALA A 357 9.96 35.88 15.78
CA ALA A 357 10.02 37.33 15.65
C ALA A 357 10.18 37.71 14.18
N THR A 358 10.03 38.98 13.85
CA THR A 358 10.13 39.42 12.47
C THR A 358 11.58 39.33 12.00
N GLY A 359 11.79 38.73 10.83
CA GLY A 359 13.12 38.54 10.30
C GLY A 359 13.72 37.25 10.83
N GLU A 360 13.03 36.64 11.78
CA GLU A 360 13.42 35.35 12.33
C GLU A 360 12.79 34.24 11.48
N PRO A 361 13.62 33.35 10.95
CA PRO A 361 13.14 32.12 10.30
C PRO A 361 12.35 31.22 11.26
N GLY A 362 11.50 30.37 10.69
CA GLY A 362 10.65 29.52 11.48
C GLY A 362 9.92 28.60 10.54
N GLU A 363 9.32 27.55 11.09
CA GLU A 363 8.51 26.64 10.31
C GLU A 363 7.14 27.24 10.10
N LEU A 364 6.70 27.26 8.84
CA LEU A 364 5.37 27.76 8.54
C LEU A 364 4.30 26.75 8.92
N TRP A 365 3.33 27.17 9.72
CA TRP A 365 2.20 26.33 10.04
C TRP A 365 0.94 26.89 9.36
N LEU A 366 0.08 26.02 8.84
CA LEU A 366 -1.09 26.47 8.09
C LEU A 366 -2.40 25.81 8.54
N ALA A 367 -3.33 26.62 9.02
CA ALA A 367 -4.68 26.15 9.33
C ALA A 367 -5.75 26.72 8.38
N GLY A 368 -6.77 25.93 8.09
CA GLY A 368 -7.88 26.41 7.28
C GLY A 368 -8.59 25.37 6.45
N PRO A 369 -9.63 25.79 5.73
CA PRO A 369 -10.52 24.96 4.90
C PRO A 369 -9.79 24.23 3.79
N GLN A 370 -8.67 24.77 3.31
CA GLN A 370 -7.89 24.07 2.30
C GLN A 370 -7.02 22.91 2.85
N VAL A 371 -6.83 22.85 4.16
CA VAL A 371 -5.96 21.84 4.78
C VAL A 371 -6.61 20.45 4.80
N SER A 372 -5.96 19.48 4.19
CA SER A 372 -6.45 18.11 4.16
C SER A 372 -6.56 17.46 5.56
N GLU A 373 -7.30 16.36 5.64
CA GLU A 373 -7.58 15.72 6.93
C GLU A 373 -6.39 14.93 7.46
N GLY A 374 -5.39 14.70 6.63
CA GLY A 374 -4.25 13.93 7.02
C GLY A 374 -3.86 13.00 5.90
N TYR A 375 -2.88 12.13 6.15
CA TYR A 375 -2.41 11.27 5.11
C TYR A 375 -3.30 10.05 4.97
N LEU A 376 -3.07 9.32 3.90
CA LEU A 376 -3.75 8.06 3.71
C LEU A 376 -2.86 6.97 4.25
N ASN A 377 -3.34 6.25 5.27
CA ASN A 377 -2.63 5.07 5.77
C ASN A 377 -1.23 5.37 6.33
N ARG A 378 -1.06 6.56 6.90
CA ARG A 378 0.20 7.03 7.48
C ARG A 378 -0.11 7.67 8.82
N PRO A 379 -0.67 6.89 9.75
CA PRO A 379 -1.28 7.48 10.94
C PRO A 379 -0.24 8.14 11.87
N GLU A 380 0.99 7.67 11.75
CA GLU A 380 2.12 8.20 12.50
C GLU A 380 2.50 9.60 12.06
N LEU A 381 2.78 9.73 10.78
CA LEU A 381 3.12 11.01 10.15
C LEU A 381 2.01 12.02 10.35
N THR A 382 0.78 11.56 10.14
CA THR A 382 -0.39 12.40 10.28
C THR A 382 -0.45 12.96 11.66
N ALA A 383 -0.10 12.13 12.63
CA ALA A 383 0.01 12.54 14.03
C ALA A 383 0.97 13.70 14.24
N GLU A 384 2.12 13.66 13.57
CA GLU A 384 3.11 14.70 13.81
C GLU A 384 3.05 15.89 12.85
N ARG A 385 2.57 15.68 11.62
CA ARG A 385 2.50 16.75 10.64
C ARG A 385 1.28 17.61 10.88
N PHE A 386 0.19 17.00 11.33
CA PHE A 386 -1.04 17.72 11.64
C PHE A 386 -1.24 17.75 13.14
N THR A 387 -1.34 18.94 13.73
CA THR A 387 -1.55 19.05 15.18
C THR A 387 -2.59 20.11 15.50
N THR A 388 -3.39 19.84 16.53
CA THR A 388 -4.41 20.76 17.00
C THR A 388 -3.94 21.56 18.21
N PRO A 398 -9.29 26.69 18.29
CA PRO A 398 -8.44 25.50 18.20
C PRO A 398 -8.05 25.11 16.79
N PRO A 399 -7.27 25.95 16.11
CA PRO A 399 -6.92 25.63 14.73
C PRO A 399 -6.21 24.31 14.63
N ARG A 400 -6.39 23.64 13.51
CA ARG A 400 -5.65 22.43 13.25
C ARG A 400 -4.59 22.77 12.22
N TYR A 401 -3.33 22.65 12.61
CA TYR A 401 -2.24 23.13 11.79
C TYR A 401 -1.60 22.00 11.00
N TYR A 402 -1.11 22.29 9.81
CA TYR A 402 -0.21 21.38 9.13
C TYR A 402 1.18 21.98 9.19
N HIS A 403 2.16 21.11 9.43
CA HIS A 403 3.55 21.51 9.56
C HIS A 403 4.26 21.32 8.23
N SER A 404 4.48 22.42 7.54
CA SER A 404 5.13 22.41 6.23
C SER A 404 6.50 21.74 6.19
N GLY A 405 7.29 21.92 7.22
CA GLY A 405 8.67 21.50 7.17
C GLY A 405 9.47 22.46 6.29
N ASP A 406 8.91 23.65 6.09
CA ASP A 406 9.55 24.71 5.31
C ASP A 406 9.88 25.89 6.21
N LEU A 407 10.98 26.57 5.91
CA LEU A 407 11.36 27.71 6.71
C LEU A 407 11.02 28.99 5.97
N VAL A 408 10.42 29.93 6.69
CA VAL A 408 10.02 31.19 6.13
C VAL A 408 10.27 32.29 7.15
N SER A 409 10.42 33.52 6.68
CA SER A 409 10.47 34.68 7.54
C SER A 409 9.42 35.71 7.14
N ARG A 410 8.87 36.42 8.11
CA ARG A 410 7.95 37.51 7.86
C ARG A 410 8.71 38.82 7.79
N ARG A 411 8.72 39.48 6.64
CA ARG A 411 9.19 40.85 6.55
C ARG A 411 8.24 41.75 7.25
N ALA A 412 8.67 42.99 7.50
CA ALA A 412 7.75 44.03 7.90
C ALA A 412 6.71 44.21 6.81
N GLY A 413 5.46 44.44 7.21
CA GLY A 413 4.41 44.61 6.22
C GLY A 413 3.66 43.33 5.99
N GLY A 414 4.23 42.20 6.42
CA GLY A 414 3.52 40.94 6.41
C GLY A 414 3.90 39.92 5.35
N ASP A 415 4.74 40.31 4.40
CA ASP A 415 5.14 39.42 3.32
C ASP A 415 6.02 38.26 3.81
N LEU A 416 5.77 37.05 3.30
CA LEU A 416 6.62 35.93 3.68
C LEU A 416 7.73 35.73 2.68
N VAL A 417 8.84 35.18 3.15
CA VAL A 417 9.98 34.91 2.31
C VAL A 417 10.44 33.49 2.58
N TYR A 418 10.47 32.68 1.53
CA TYR A 418 10.88 31.29 1.64
C TYR A 418 12.37 31.20 1.90
N GLN A 419 12.73 30.60 3.04
CA GLN A 419 14.12 30.39 3.35
C GLN A 419 14.58 29.01 2.91
N GLY A 420 13.84 27.96 3.25
CA GLY A 420 14.21 26.63 2.80
C GLY A 420 13.54 25.48 3.52
N ARG A 421 13.84 24.26 3.10
CA ARG A 421 13.35 23.07 3.80
C ARG A 421 14.12 22.82 5.08
N ALA A 422 13.43 22.47 6.15
CA ALA A 422 14.09 22.08 7.39
C ALA A 422 14.98 20.86 7.21
N ASP A 423 14.52 19.90 6.41
CA ASP A 423 15.21 18.63 6.20
C ASP A 423 16.57 18.82 5.52
N LEU A 424 16.79 19.98 4.93
CA LEU A 424 17.96 20.21 4.11
C LEU A 424 18.96 21.07 4.85
N GLN A 425 18.61 21.43 6.08
CA GLN A 425 19.60 21.89 7.04
C GLN A 425 20.22 20.65 7.65
N VAL A 426 21.53 20.54 7.50
CA VAL A 426 22.23 19.29 7.76
C VAL A 426 23.49 19.53 8.58
N LYS A 427 23.87 18.57 9.42
CA LYS A 427 25.09 18.69 10.20
C LYS A 427 26.19 17.81 9.64
N LEU A 428 27.37 18.38 9.40
CA LEU A 428 28.46 17.63 8.82
C LEU A 428 29.79 18.11 9.38
N ARG A 429 30.49 17.19 10.04
CA ARG A 429 31.80 17.46 10.65
C ARG A 429 31.78 18.67 11.56
N GLY A 430 30.82 18.73 12.47
CA GLY A 430 30.73 19.85 13.40
C GLY A 430 30.20 21.13 12.80
N HIS A 431 29.85 21.10 11.51
CA HIS A 431 29.30 22.26 10.84
C HIS A 431 27.84 22.01 10.50
N ARG A 432 27.05 23.08 10.44
CA ARG A 432 25.69 22.94 9.96
C ARG A 432 25.60 23.53 8.56
N ILE A 433 25.12 22.73 7.62
CA ILE A 433 25.18 23.08 6.22
C ILE A 433 23.81 23.26 5.59
N GLU A 434 23.65 24.41 4.95
CA GLU A 434 22.47 24.71 4.16
C GLU A 434 22.63 24.16 2.77
N LEU A 435 22.12 22.95 2.52
CA LEU A 435 22.24 22.34 1.20
C LEU A 435 21.72 23.27 0.11
N SER A 436 20.68 24.02 0.44
CA SER A 436 20.10 24.99 -0.48
C SER A 436 21.11 26.06 -0.91
N ASP A 437 21.85 26.60 0.06
CA ASP A 437 22.91 27.58 -0.18
C ASP A 437 24.04 27.02 -1.06
N VAL A 438 24.43 25.77 -0.83
CA VAL A 438 25.41 25.11 -1.67
C VAL A 438 24.89 25.04 -3.12
N GLU A 439 23.64 24.61 -3.26
CA GLU A 439 22.99 24.50 -4.58
C GLU A 439 23.00 25.83 -5.34
N ALA A 440 22.77 26.93 -4.64
CA ALA A 440 22.76 28.25 -5.25
C ALA A 440 24.15 28.65 -5.78
N ALA A 441 25.16 28.54 -4.92
CA ALA A 441 26.53 28.86 -5.33
C ALA A 441 26.98 28.13 -6.58
N VAL A 442 26.67 26.84 -6.69
CA VAL A 442 27.00 26.08 -7.89
C VAL A 442 26.19 26.63 -9.06
N ARG A 443 24.93 26.93 -8.78
CA ARG A 443 24.01 27.46 -9.77
C ARG A 443 24.50 28.80 -10.34
N THR A 444 25.22 29.57 -9.54
CA THR A 444 25.73 30.86 -10.01
C THR A 444 26.77 30.79 -11.12
N HIS A 445 27.17 29.58 -11.51
CA HIS A 445 28.03 29.45 -12.68
C HIS A 445 27.19 29.64 -13.92
N PRO A 446 27.70 30.41 -14.88
CA PRO A 446 26.93 30.76 -16.08
C PRO A 446 26.52 29.54 -16.88
N ALA A 447 27.44 28.59 -17.00
CA ALA A 447 27.23 27.38 -17.79
C ALA A 447 26.45 26.29 -17.06
N VAL A 448 26.08 26.56 -15.82
CA VAL A 448 25.32 25.59 -15.03
C VAL A 448 23.87 26.04 -14.93
N VAL A 449 22.98 25.20 -15.44
CA VAL A 449 21.54 25.41 -15.36
C VAL A 449 20.99 25.10 -13.98
N ASP A 450 21.23 23.88 -13.53
CA ASP A 450 20.63 23.38 -12.31
C ASP A 450 21.61 22.51 -11.51
N ALA A 451 21.37 22.40 -10.21
CA ALA A 451 22.26 21.65 -9.33
C ALA A 451 21.50 21.13 -8.12
N VAL A 452 21.82 19.90 -7.71
CA VAL A 452 21.34 19.41 -6.43
C VAL A 452 22.51 18.85 -5.62
N VAL A 453 22.65 19.29 -4.38
CA VAL A 453 23.71 18.78 -3.54
C VAL A 453 23.10 18.02 -2.37
N TRP A 454 23.80 16.99 -1.93
CA TRP A 454 23.34 16.20 -0.79
C TRP A 454 24.47 15.53 -0.04
N VAL A 455 24.16 15.05 1.15
CA VAL A 455 25.10 14.24 1.92
C VAL A 455 25.01 12.79 1.52
N HIS A 456 26.08 12.25 0.97
CA HIS A 456 26.04 10.88 0.50
C HIS A 456 26.87 9.95 1.43
N GLU A 457 26.32 8.78 1.77
CA GLU A 457 27.04 7.81 2.60
C GLU A 457 27.89 6.89 1.74
N PHE A 458 29.20 7.16 1.67
CA PHE A 458 30.10 6.29 0.92
C PHE A 458 30.53 5.06 1.73
N ALA A 459 30.82 5.27 3.01
CA ALA A 459 31.14 4.20 3.94
C ALA A 459 30.52 4.60 5.26
N PRO A 460 30.40 3.64 6.20
CA PRO A 460 29.75 3.94 7.48
C PRO A 460 30.36 5.12 8.25
N GLY A 461 31.60 5.49 7.94
CA GLY A 461 32.19 6.67 8.54
C GLY A 461 32.55 7.70 7.48
N ASP A 462 32.05 7.50 6.28
CA ASP A 462 32.43 8.33 5.15
C ASP A 462 31.21 9.02 4.51
N SER A 463 30.78 10.11 5.12
CA SER A 463 29.71 10.92 4.59
C SER A 463 30.24 12.25 4.10
N ARG A 464 29.97 12.56 2.84
CA ARG A 464 30.47 13.77 2.20
C ARG A 464 29.43 14.39 1.27
N LEU A 465 29.56 15.70 1.06
CA LEU A 465 28.75 16.43 0.11
C LEU A 465 29.03 16.02 -1.33
N VAL A 466 27.96 15.71 -2.07
CA VAL A 466 28.09 15.50 -3.51
C VAL A 466 27.16 16.45 -4.25
N CYS A 467 27.51 16.77 -5.49
CA CYS A 467 26.69 17.63 -6.30
C CYS A 467 26.43 16.99 -7.66
N ALA A 468 25.17 17.01 -8.09
CA ALA A 468 24.84 16.72 -9.47
C ALA A 468 24.33 18.00 -10.13
N TYR A 469 24.66 18.19 -11.40
CA TYR A 469 24.31 19.44 -12.05
C TYR A 469 24.09 19.28 -13.54
N THR A 470 23.34 20.21 -14.11
CA THR A 470 23.04 20.23 -15.52
C THR A 470 23.66 21.45 -16.18
N ALA A 471 24.27 21.23 -17.36
CA ALA A 471 24.95 22.28 -18.11
C ALA A 471 24.06 22.90 -19.18
N GLN A 472 24.46 24.07 -19.68
CA GLN A 472 23.77 24.69 -20.81
C GLN A 472 24.71 24.85 -21.99
N PRO A 480 31.25 22.56 -19.48
CA PRO A 480 31.80 23.04 -18.20
C PRO A 480 32.27 21.89 -17.30
N ASP A 481 33.59 21.64 -17.22
CA ASP A 481 34.05 20.50 -16.43
C ASP A 481 33.94 20.79 -14.94
N ALA A 482 34.07 19.73 -14.13
CA ALA A 482 33.97 19.86 -12.69
C ALA A 482 35.16 20.62 -12.16
N ARG A 483 36.25 20.56 -12.90
CA ARG A 483 37.43 21.29 -12.51
C ARG A 483 37.17 22.80 -12.51
N ALA A 484 36.73 23.33 -13.64
CA ALA A 484 36.38 24.76 -13.75
C ALA A 484 35.34 25.13 -12.71
N LEU A 485 34.35 24.26 -12.56
CA LEU A 485 33.31 24.49 -11.57
C LEU A 485 33.88 24.48 -10.15
N ARG A 486 34.75 23.50 -9.87
CA ARG A 486 35.46 23.42 -8.59
C ARG A 486 36.23 24.69 -8.32
N ALA A 487 36.95 25.18 -9.32
CA ALA A 487 37.67 26.42 -9.18
C ALA A 487 36.75 27.58 -8.79
N HIS A 488 35.64 27.74 -9.49
CA HIS A 488 34.66 28.79 -9.16
C HIS A 488 34.06 28.68 -7.77
N VAL A 489 33.70 27.47 -7.32
CA VAL A 489 33.01 27.32 -6.03
C VAL A 489 33.91 27.62 -4.81
N LYS A 490 35.20 27.33 -4.92
CA LYS A 490 36.20 27.68 -3.91
C LYS A 490 36.18 29.17 -3.58
N THR A 491 35.75 29.95 -4.55
CA THR A 491 35.62 31.41 -4.44
C THR A 491 34.35 31.84 -3.71
N VAL A 492 33.30 31.04 -3.80
CA VAL A 492 32.00 31.45 -3.33
C VAL A 492 31.69 30.87 -1.96
N LEU A 493 32.19 29.66 -1.66
CA LEU A 493 31.85 28.95 -0.42
C LEU A 493 33.02 28.67 0.52
N PRO A 494 32.75 28.63 1.83
CA PRO A 494 33.80 28.22 2.76
C PRO A 494 34.04 26.73 2.59
N SER A 495 35.26 26.27 2.87
CA SER A 495 35.67 24.92 2.46
C SER A 495 34.75 23.81 2.94
N TYR A 496 34.17 23.96 4.11
CA TYR A 496 33.27 22.94 4.64
C TYR A 496 31.91 22.86 3.94
N MET A 497 31.65 23.78 3.02
CA MET A 497 30.41 23.72 2.25
C MET A 497 30.64 23.28 0.81
N GLN A 498 31.89 23.07 0.43
CA GLN A 498 32.23 22.69 -0.93
C GLN A 498 32.02 21.20 -1.19
N PRO A 499 31.29 20.89 -2.28
CA PRO A 499 31.05 19.49 -2.58
C PRO A 499 32.35 18.74 -2.75
N SER A 500 32.41 17.49 -2.30
CA SER A 500 33.60 16.69 -2.40
C SER A 500 33.68 16.04 -3.77
N GLN A 501 32.52 15.91 -4.42
CA GLN A 501 32.45 15.27 -5.74
C GLN A 501 31.35 15.89 -6.61
N TYR A 502 31.62 15.97 -7.90
CA TYR A 502 30.68 16.54 -8.88
C TYR A 502 30.27 15.54 -9.95
N LEU A 503 28.97 15.41 -10.17
CA LEU A 503 28.43 14.53 -11.20
C LEU A 503 27.68 15.31 -12.28
N ALA A 504 28.19 15.26 -13.51
CA ALA A 504 27.55 15.92 -14.64
C ALA A 504 26.42 15.07 -15.20
N LEU A 505 25.20 15.61 -15.19
CA LEU A 505 24.04 14.91 -15.74
C LEU A 505 23.35 15.71 -16.86
N PRO A 506 22.86 14.99 -17.89
CA PRO A 506 21.98 15.54 -18.93
C PRO A 506 20.76 16.27 -18.36
N GLU A 507 20.05 15.63 -17.43
CA GLU A 507 19.00 16.28 -16.65
C GLU A 507 18.85 15.67 -15.25
N LEU A 508 18.52 16.51 -14.27
CA LEU A 508 18.29 16.03 -12.93
C LEU A 508 16.98 15.24 -12.88
N PRO A 509 16.99 14.09 -12.19
CA PRO A 509 15.72 13.38 -12.00
C PRO A 509 14.84 14.12 -11.00
N ARG A 510 13.57 14.29 -11.32
CA ARG A 510 12.70 15.09 -10.47
C ARG A 510 11.46 14.31 -10.05
N THR A 511 10.81 14.77 -8.98
CA THR A 511 9.54 14.20 -8.57
C THR A 511 8.46 14.61 -9.55
N ILE A 512 7.25 14.11 -9.30
CA ILE A 512 6.11 14.43 -10.15
C ILE A 512 5.81 15.91 -10.00
N ASN A 513 6.05 16.47 -8.82
CA ASN A 513 5.89 17.91 -8.57
C ASN A 513 7.00 18.71 -9.21
N GLY A 514 7.96 18.03 -9.83
CA GLY A 514 9.06 18.73 -10.45
C GLY A 514 10.19 19.18 -9.52
N LYS A 515 10.03 18.89 -8.23
CA LYS A 515 11.12 19.11 -7.27
CA LYS A 515 11.11 19.08 -7.25
C LYS A 515 12.19 18.03 -7.49
N ALA A 516 13.47 18.36 -7.25
CA ALA A 516 14.57 17.43 -7.54
C ALA A 516 14.48 16.17 -6.69
N ASP A 517 14.55 15.02 -7.36
CA ASP A 517 14.47 13.73 -6.71
C ASP A 517 15.83 13.33 -6.13
N ARG A 518 16.00 13.51 -4.83
CA ARG A 518 17.27 13.23 -4.16
C ARG A 518 17.62 11.76 -4.10
N ALA A 519 16.61 10.92 -3.87
CA ALA A 519 16.83 9.50 -3.72
C ALA A 519 17.22 8.89 -5.04
N SER A 520 16.75 9.47 -6.13
CA SER A 520 17.06 8.92 -7.43
C SER A 520 18.44 9.38 -7.90
N VAL A 521 18.76 10.64 -7.64
CA VAL A 521 20.06 11.15 -8.06
C VAL A 521 21.17 10.44 -7.27
N ALA A 522 20.94 10.19 -5.99
CA ALA A 522 21.89 9.42 -5.20
C ALA A 522 22.11 8.04 -5.80
N ARG A 523 21.03 7.37 -6.17
CA ARG A 523 21.15 6.05 -6.78
C ARG A 523 21.85 6.12 -8.13
N ALA A 524 21.56 7.17 -8.90
CA ALA A 524 22.23 7.34 -10.18
C ALA A 524 23.74 7.50 -9.96
N PHE A 525 24.08 8.28 -8.94
CA PHE A 525 25.46 8.48 -8.55
C PHE A 525 26.19 7.19 -8.12
N ASP A 526 25.56 6.41 -7.25
CA ASP A 526 26.18 5.16 -6.79
C ASP A 526 26.49 4.22 -7.94
N GLU A 527 25.66 4.24 -8.96
CA GLU A 527 25.78 3.30 -10.07
C GLU A 527 26.90 3.63 -11.04
N ARG A 528 27.22 4.92 -11.19
CA ARG A 528 28.29 5.26 -12.12
C ARG A 528 29.60 5.60 -11.43
N ARG A 529 29.59 5.76 -10.10
CA ARG A 529 30.86 5.98 -9.42
C ARG A 529 31.60 4.65 -9.37
N GLU B 15 4.54 -20.18 30.49
CA GLU B 15 5.19 -20.74 31.67
C GLU B 15 6.69 -20.93 31.41
N PHE B 16 7.08 -20.87 30.15
CA PHE B 16 8.49 -20.92 29.75
C PHE B 16 8.99 -19.57 29.24
N GLY B 17 8.20 -18.51 29.41
CA GLY B 17 8.60 -17.18 28.96
C GLY B 17 7.58 -16.34 28.17
N ALA B 18 7.78 -15.03 28.23
CA ALA B 18 6.92 -14.05 27.54
C ALA B 18 7.46 -13.61 26.18
N THR B 19 8.51 -14.27 25.70
CA THR B 19 9.13 -13.92 24.44
C THR B 19 9.50 -15.20 23.69
N LEU B 20 9.53 -15.16 22.36
CA LEU B 20 9.87 -16.33 21.58
C LEU B 20 11.32 -16.67 21.77
N VAL B 21 12.10 -15.63 22.03
CA VAL B 21 13.52 -15.80 22.30
C VAL B 21 13.69 -16.57 23.61
N ASP B 22 12.89 -16.23 24.61
CA ASP B 22 12.95 -16.93 25.88
C ASP B 22 12.52 -18.38 25.71
N LEU B 23 11.57 -18.63 24.82
CA LEU B 23 11.05 -19.97 24.65
C LEU B 23 12.13 -20.83 24.09
N PHE B 24 12.83 -20.31 23.10
CA PHE B 24 13.89 -21.07 22.44
C PHE B 24 15.07 -21.24 23.41
N SER B 25 15.41 -20.17 24.12
CA SER B 25 16.48 -20.20 25.12
C SER B 25 16.31 -21.31 26.17
N ARG B 26 15.11 -21.41 26.75
CA ARG B 26 14.72 -22.45 27.69
C ARG B 26 15.01 -23.84 27.13
N ALA B 27 14.59 -24.07 25.89
CA ALA B 27 14.65 -25.40 25.30
C ALA B 27 16.08 -25.75 24.91
N ALA B 28 16.82 -24.75 24.43
CA ALA B 28 18.19 -24.94 23.99
C ALA B 28 19.13 -25.12 25.19
N MET B 29 18.84 -24.44 26.29
CA MET B 29 19.59 -24.61 27.53
C MET B 29 19.31 -25.95 28.21
N GLU B 30 18.10 -26.46 28.09
CA GLU B 30 17.78 -27.68 28.81
C GLU B 30 17.92 -28.93 27.97
N MET B 31 18.03 -28.75 26.66
CA MET B 31 18.11 -29.90 25.77
C MET B 31 19.05 -29.62 24.61
N PRO B 32 20.28 -29.18 24.92
CA PRO B 32 21.20 -28.70 23.87
C PRO B 32 21.61 -29.81 22.93
N ASP B 33 21.45 -31.05 23.39
CA ASP B 33 21.80 -32.25 22.63
C ASP B 33 20.71 -32.76 21.67
N ARG B 34 19.47 -32.35 21.85
CA ARG B 34 18.40 -32.82 20.97
C ARG B 34 18.46 -32.18 19.58
N THR B 35 17.89 -32.87 18.59
CA THR B 35 17.91 -32.39 17.21
C THR B 35 16.86 -31.30 16.98
N ALA B 36 17.28 -30.11 16.57
CA ALA B 36 16.31 -29.06 16.28
C ALA B 36 15.82 -29.16 14.83
N LEU B 37 16.75 -29.21 13.88
CA LEU B 37 16.37 -29.29 12.48
C LEU B 37 16.96 -30.51 11.79
N HIS B 38 16.13 -31.17 11.01
CA HIS B 38 16.51 -32.33 10.22
C HIS B 38 16.11 -32.03 8.77
N ILE B 39 17.09 -31.97 7.88
CA ILE B 39 16.86 -31.51 6.52
C ILE B 39 16.94 -32.63 5.49
N LYS B 43 21.79 -32.89 10.56
CA LYS B 43 21.07 -32.81 11.83
C LYS B 43 21.66 -31.74 12.74
N ILE B 44 20.87 -30.70 12.98
CA ILE B 44 21.34 -29.56 13.76
C ILE B 44 20.73 -29.60 15.16
N SER B 45 21.58 -29.51 16.15
CA SER B 45 21.18 -29.62 17.54
C SER B 45 20.64 -28.30 18.00
N TYR B 46 19.98 -28.31 19.15
CA TYR B 46 19.51 -27.08 19.76
C TYR B 46 20.69 -26.19 20.16
N GLY B 47 21.74 -26.81 20.68
CA GLY B 47 22.94 -26.07 21.09
C GLY B 47 23.58 -25.32 19.94
N LEU B 48 23.78 -26.01 18.83
CA LEU B 48 24.35 -25.37 17.64
C LEU B 48 23.40 -24.32 17.05
N LEU B 49 22.11 -24.61 16.96
CA LEU B 49 21.14 -23.65 16.45
C LEU B 49 21.18 -22.40 17.32
N HIS B 50 21.16 -22.59 18.62
CA HIS B 50 21.26 -21.46 19.55
C HIS B 50 22.51 -20.62 19.34
N SER B 51 23.67 -21.27 19.28
CA SER B 51 24.90 -20.49 19.18
C SER B 51 24.94 -19.82 17.82
N TRP B 52 24.51 -20.54 16.80
CA TRP B 52 24.42 -19.97 15.45
C TRP B 52 23.54 -18.72 15.41
N ALA B 53 22.32 -18.82 15.95
CA ALA B 53 21.40 -17.70 15.88
C ALA B 53 21.91 -16.55 16.72
N GLU B 54 22.63 -16.88 17.79
CA GLU B 54 23.20 -15.87 18.68
C GLU B 54 24.28 -15.06 17.97
N GLY B 55 25.06 -15.72 17.13
CA GLY B 55 26.04 -15.03 16.31
C GLY B 55 25.36 -14.14 15.27
N LEU B 56 24.24 -14.61 14.73
CA LEU B 56 23.53 -13.87 13.70
C LEU B 56 23.05 -12.54 14.24
N ALA B 57 22.53 -12.58 15.46
CA ALA B 57 22.08 -11.36 16.10
C ALA B 57 23.20 -10.34 16.25
N ASP B 58 24.34 -10.79 16.74
CA ASP B 58 25.55 -9.98 16.80
C ASP B 58 25.82 -9.35 15.43
N LEU B 59 25.79 -10.20 14.40
CA LEU B 59 26.06 -9.74 13.05
C LEU B 59 25.06 -8.67 12.61
N LEU B 60 23.78 -8.98 12.74
CA LEU B 60 22.72 -8.05 12.37
C LEU B 60 22.88 -6.74 13.11
N HIS B 61 23.16 -6.81 14.41
CA HIS B 61 23.36 -5.61 15.21
C HIS B 61 24.53 -4.78 14.67
N ASP B 62 25.65 -5.45 14.46
CA ASP B 62 26.81 -4.83 13.86
C ASP B 62 26.45 -4.10 12.55
N ALA B 63 25.45 -4.61 11.83
CA ALA B 63 25.04 -4.02 10.56
C ALA B 63 23.93 -2.99 10.74
N GLY B 64 23.68 -2.56 11.97
CA GLY B 64 22.76 -1.46 12.20
C GLY B 64 21.38 -1.81 12.71
N VAL B 65 21.02 -3.09 12.73
CA VAL B 65 19.70 -3.49 13.19
C VAL B 65 19.52 -3.26 14.68
N ARG B 66 18.59 -2.39 15.04
CA ARG B 66 18.31 -2.12 16.44
C ARG B 66 16.97 -2.69 16.88
N LYS B 67 16.80 -2.82 18.19
CA LYS B 67 15.53 -3.25 18.77
C LYS B 67 14.39 -2.39 18.26
N GLY B 68 13.36 -3.04 17.73
CA GLY B 68 12.20 -2.35 17.20
C GLY B 68 12.14 -2.27 15.69
N ASP B 69 13.21 -2.67 15.01
CA ASP B 69 13.25 -2.57 13.58
C ASP B 69 12.62 -3.79 12.91
N ARG B 70 12.40 -3.69 11.60
CA ARG B 70 11.77 -4.74 10.81
C ARG B 70 12.74 -5.24 9.78
N VAL B 71 12.94 -6.55 9.71
CA VAL B 71 13.92 -7.11 8.82
C VAL B 71 13.28 -8.12 7.90
N ALA B 72 13.49 -7.97 6.61
CA ALA B 72 12.92 -8.92 5.67
C ALA B 72 13.71 -10.21 5.70
N LEU B 73 13.00 -11.28 5.43
CA LEU B 73 13.59 -12.60 5.39
C LEU B 73 13.12 -13.28 4.13
N ARG B 74 14.02 -13.43 3.19
CA ARG B 74 13.67 -14.02 1.92
C ARG B 74 14.62 -15.13 1.57
N MET B 75 14.22 -16.34 1.93
CA MET B 75 15.08 -17.51 1.78
C MET B 75 14.24 -18.74 1.52
N PRO B 76 14.77 -19.72 0.78
CA PRO B 76 14.07 -21.01 0.69
C PRO B 76 14.04 -21.70 2.05
N PRO B 77 13.09 -22.62 2.27
CA PRO B 77 13.00 -23.33 3.55
C PRO B 77 14.21 -24.24 3.78
N GLY B 78 14.83 -24.17 4.96
CA GLY B 78 16.05 -24.90 5.23
C GLY B 78 16.64 -24.45 6.54
N ALA B 79 17.84 -24.90 6.86
CA ALA B 79 18.45 -24.56 8.15
C ALA B 79 18.77 -23.07 8.27
N ASN B 80 19.24 -22.49 7.18
CA ASN B 80 19.60 -21.08 7.15
C ASN B 80 18.41 -20.14 7.39
N ALA B 81 17.24 -20.50 6.86
CA ALA B 81 16.06 -19.65 7.03
C ALA B 81 15.63 -19.64 8.48
N ILE B 82 15.65 -20.81 9.11
CA ILE B 82 15.34 -20.91 10.53
C ILE B 82 16.35 -20.18 11.43
N ALA B 83 17.63 -20.24 11.10
CA ALA B 83 18.63 -19.56 11.92
C ALA B 83 18.52 -18.04 11.75
N ALA B 84 18.35 -17.60 10.51
CA ALA B 84 18.13 -16.17 10.23
C ALA B 84 16.95 -15.61 11.01
N MET B 85 15.83 -16.31 10.95
CA MET B 85 14.65 -15.89 11.70
C MET B 85 14.99 -15.72 13.18
N LEU B 86 15.53 -16.79 13.77
CA LEU B 86 15.95 -16.80 15.18
C LEU B 86 16.90 -15.65 15.50
N GLY B 87 17.91 -15.46 14.66
CA GLY B 87 18.78 -14.31 14.78
C GLY B 87 18.10 -12.95 14.77
N ILE B 88 17.27 -12.71 13.75
CA ILE B 88 16.45 -11.49 13.66
C ILE B 88 15.68 -11.30 14.95
N LEU B 89 15.03 -12.35 15.45
CA LEU B 89 14.30 -12.21 16.70
C LEU B 89 15.22 -11.90 17.88
N ARG B 90 16.31 -12.66 17.96
CA ARG B 90 17.28 -12.48 19.03
C ARG B 90 17.81 -11.03 19.01
N ALA B 91 18.08 -10.49 17.83
CA ALA B 91 18.44 -9.07 17.68
C ALA B 91 17.39 -8.04 18.12
N GLY B 92 16.23 -8.48 18.58
CA GLY B 92 15.17 -7.56 18.97
C GLY B 92 14.30 -7.08 17.82
N ALA B 93 14.58 -7.59 16.63
CA ALA B 93 13.90 -7.16 15.41
C ALA B 93 12.65 -7.98 15.12
N ALA B 94 11.70 -7.37 14.43
CA ALA B 94 10.57 -8.13 13.91
C ALA B 94 10.97 -8.67 12.55
N TYR B 95 10.60 -9.91 12.22
CA TYR B 95 10.90 -10.36 10.88
C TYR B 95 9.67 -10.35 9.95
N VAL B 96 9.97 -10.16 8.67
CA VAL B 96 8.95 -9.93 7.68
C VAL B 96 9.22 -10.88 6.54
N PRO B 97 8.52 -12.01 6.52
CA PRO B 97 8.90 -13.04 5.55
C PRO B 97 8.33 -12.80 4.16
N LEU B 98 9.20 -12.85 3.15
CA LEU B 98 8.76 -12.80 1.78
C LEU B 98 8.89 -14.17 1.15
N ASP B 99 7.78 -14.75 0.72
CA ASP B 99 7.82 -16.04 0.06
C ASP B 99 8.65 -15.98 -1.22
N ILE B 100 9.36 -17.07 -1.49
CA ILE B 100 10.20 -17.21 -2.67
C ILE B 100 9.37 -17.26 -3.95
N ARG B 101 8.13 -17.71 -3.82
CA ARG B 101 7.21 -17.83 -4.95
C ARG B 101 6.50 -16.51 -5.25
N ASN B 102 6.72 -15.50 -4.42
CA ASN B 102 6.06 -14.22 -4.60
C ASN B 102 6.42 -13.56 -5.93
N PRO B 103 5.43 -13.02 -6.64
CA PRO B 103 5.79 -12.20 -7.79
C PRO B 103 6.45 -10.93 -7.28
N PRO B 104 7.29 -10.29 -8.10
CA PRO B 104 8.08 -9.13 -7.71
C PRO B 104 7.29 -7.91 -7.26
N ALA B 105 6.06 -7.76 -7.70
CA ALA B 105 5.32 -6.58 -7.33
C ALA B 105 4.84 -6.76 -5.91
N ARG B 106 4.57 -8.00 -5.56
CA ARG B 106 4.09 -8.33 -4.23
C ARG B 106 5.18 -8.10 -3.19
N ASN B 107 6.36 -8.65 -3.43
CA ASN B 107 7.52 -8.40 -2.59
C ASN B 107 7.77 -6.93 -2.42
N ALA B 108 7.68 -6.18 -3.51
CA ALA B 108 7.95 -4.76 -3.48
C ALA B 108 6.98 -4.04 -2.57
N PHE B 109 5.70 -4.39 -2.68
CA PHE B 109 4.68 -3.79 -1.84
C PHE B 109 4.97 -4.03 -0.37
N ILE B 110 5.30 -5.29 -0.06
CA ILE B 110 5.59 -5.69 1.31
C ILE B 110 6.76 -4.93 1.86
N VAL B 111 7.86 -4.90 1.11
CA VAL B 111 9.07 -4.28 1.58
C VAL B 111 8.88 -2.77 1.69
N THR B 112 8.10 -2.18 0.79
CA THR B 112 7.80 -0.75 0.86
C THR B 112 6.81 -0.46 1.99
N ASP B 113 5.75 -1.26 2.07
CA ASP B 113 4.77 -1.11 3.13
C ASP B 113 5.40 -1.18 4.52
N SER B 114 6.28 -2.16 4.73
CA SER B 114 6.77 -2.46 6.07
C SER B 114 8.01 -1.64 6.40
N GLN B 115 8.65 -1.12 5.36
CA GLN B 115 9.84 -0.26 5.52
C GLN B 115 10.92 -0.97 6.34
N VAL B 116 11.37 -2.12 5.85
CA VAL B 116 12.37 -2.91 6.55
C VAL B 116 13.75 -2.27 6.44
N VAL B 117 14.46 -2.22 7.55
CA VAL B 117 15.81 -1.65 7.55
C VAL B 117 16.78 -2.61 6.88
N ALA B 118 16.47 -3.89 6.86
CA ALA B 118 17.39 -4.84 6.23
C ALA B 118 16.68 -6.00 5.57
N LEU B 119 17.43 -6.74 4.77
CA LEU B 119 16.93 -7.94 4.11
C LEU B 119 17.92 -9.09 4.31
N VAL B 120 17.45 -10.22 4.82
CA VAL B 120 18.32 -11.39 4.95
C VAL B 120 17.97 -12.44 3.90
N GLY B 121 18.97 -12.83 3.12
CA GLY B 121 18.76 -13.80 2.05
C GLY B 121 19.04 -13.25 0.66
N ASP B 122 18.18 -13.60 -0.28
CA ASP B 122 18.32 -13.26 -1.70
C ASP B 122 17.37 -12.14 -2.09
N PRO B 123 17.91 -11.04 -2.63
CA PRO B 123 17.03 -9.94 -3.06
C PRO B 123 16.29 -10.18 -4.38
N GLY B 124 16.98 -10.76 -5.36
CA GLY B 124 16.45 -10.93 -6.70
C GLY B 124 15.00 -11.37 -6.83
N GLY B 131 19.49 -1.05 0.09
CA GLY B 131 19.36 -1.34 1.49
C GLY B 131 20.27 -2.47 1.95
N PRO B 132 20.67 -2.44 3.22
CA PRO B 132 21.59 -3.46 3.76
C PRO B 132 21.13 -4.89 3.54
N LEU B 133 22.04 -5.72 3.07
CA LEU B 133 21.72 -7.09 2.72
C LEU B 133 22.56 -8.06 3.57
N VAL B 134 22.01 -9.23 3.86
CA VAL B 134 22.75 -10.31 4.49
C VAL B 134 22.48 -11.59 3.72
N THR B 135 23.48 -12.05 2.98
CA THR B 135 23.30 -13.19 2.08
C THR B 135 23.08 -14.50 2.80
N GLU B 136 22.58 -15.48 2.07
CA GLU B 136 22.49 -16.82 2.60
C GLU B 136 23.87 -17.35 2.88
N GLU B 137 24.84 -16.84 2.12
CA GLU B 137 26.23 -17.20 2.30
C GLU B 137 26.69 -16.73 3.67
N ASN B 138 26.48 -15.46 3.97
CA ASN B 138 26.82 -14.88 5.26
C ASN B 138 26.23 -15.70 6.42
N VAL B 139 24.96 -16.08 6.34
CA VAL B 139 24.34 -16.71 7.51
C VAL B 139 24.89 -18.13 7.69
N ALA B 140 25.22 -18.83 6.61
CA ALA B 140 25.86 -20.14 6.70
C ALA B 140 27.23 -20.04 7.36
N ALA B 141 27.96 -18.97 7.04
CA ALA B 141 29.29 -18.76 7.62
C ALA B 141 29.26 -18.75 9.15
N LEU B 142 28.24 -18.14 9.73
CA LEU B 142 28.19 -17.97 11.19
C LEU B 142 27.77 -19.23 11.94
N ARG B 143 27.56 -20.30 11.21
CA ARG B 143 27.14 -21.55 11.82
C ARG B 143 28.12 -22.03 12.87
N PRO B 153 23.21 -8.37 22.00
CA PRO B 153 22.28 -7.25 21.80
C PRO B 153 21.11 -7.28 22.77
N GLU B 154 20.46 -6.13 22.96
CA GLU B 154 19.31 -6.03 23.84
C GLU B 154 18.22 -6.95 23.33
N ARG B 155 17.62 -7.72 24.24
CA ARG B 155 16.67 -8.72 23.83
C ARG B 155 15.23 -8.16 23.84
N PRO B 156 14.35 -8.78 23.05
CA PRO B 156 12.95 -8.35 22.96
C PRO B 156 12.20 -8.41 24.27
N GLY B 157 11.25 -7.50 24.45
CA GLY B 157 10.28 -7.63 25.50
C GLY B 157 9.04 -8.22 24.88
N PRO B 158 8.04 -8.54 25.68
CA PRO B 158 6.82 -9.15 25.14
C PRO B 158 5.94 -8.20 24.29
N GLN B 159 6.13 -6.89 24.45
CA GLN B 159 5.39 -5.87 23.71
C GLN B 159 6.03 -5.58 22.36
N ASP B 160 7.23 -6.11 22.17
CA ASP B 160 7.90 -5.95 20.90
C ASP B 160 7.29 -6.87 19.86
N VAL B 161 7.30 -6.38 18.62
CA VAL B 161 6.80 -7.13 17.49
C VAL B 161 7.72 -8.28 17.16
N ALA B 162 7.15 -9.46 16.97
CA ALA B 162 7.94 -10.61 16.59
C ALA B 162 7.90 -10.80 15.09
N TYR B 163 6.71 -10.58 14.49
CA TYR B 163 6.62 -10.62 13.04
C TYR B 163 5.46 -9.84 12.39
N ILE B 164 5.64 -9.57 11.11
CA ILE B 164 4.63 -8.95 10.30
C ILE B 164 4.25 -9.91 9.19
N ILE B 165 3.03 -10.42 9.28
CA ILE B 165 2.52 -11.30 8.24
C ILE B 165 1.29 -10.67 7.59
N TYR B 166 1.18 -10.89 6.28
CA TYR B 166 0.13 -10.25 5.51
C TYR B 166 -1.07 -11.15 5.29
N THR B 167 -2.24 -10.58 5.52
CA THR B 167 -3.52 -11.24 5.29
C THR B 167 -4.25 -10.51 4.14
N SER B 168 -5.11 -11.22 3.42
CA SER B 168 -5.90 -10.59 2.37
C SER B 168 -7.35 -10.62 2.78
N GLY B 169 -8.07 -9.54 2.50
CA GLY B 169 -9.49 -9.54 2.75
C GLY B 169 -10.12 -10.41 1.70
N THR B 170 -11.42 -10.69 1.84
CA THR B 170 -12.15 -11.42 0.81
C THR B 170 -12.01 -10.62 -0.50
N THR B 171 -11.91 -9.31 -0.34
CA THR B 171 -11.40 -8.41 -1.37
C THR B 171 -10.26 -9.03 -2.17
N GLY B 172 -9.35 -9.68 -1.46
CA GLY B 172 -8.11 -10.15 -2.04
C GLY B 172 -7.05 -9.09 -1.84
N ARG B 173 -7.30 -8.16 -0.92
CA ARG B 173 -6.41 -7.01 -0.69
C ARG B 173 -5.51 -7.18 0.53
N PRO B 174 -4.21 -7.19 0.30
CA PRO B 174 -3.14 -7.43 1.28
C PRO B 174 -3.03 -6.36 2.36
N LYS B 175 -2.99 -6.81 3.60
CA LYS B 175 -2.71 -5.93 4.73
C LYS B 175 -1.87 -6.64 5.81
N GLY B 176 -0.88 -5.92 6.33
CA GLY B 176 0.02 -6.47 7.32
C GLY B 176 -0.58 -6.53 8.69
N VAL B 177 -0.31 -7.63 9.40
CA VAL B 177 -0.64 -7.77 10.80
C VAL B 177 0.64 -7.97 11.65
N PRO B 178 0.97 -6.99 12.51
CA PRO B 178 2.10 -7.09 13.43
C PRO B 178 1.79 -7.92 14.66
N VAL B 179 2.35 -9.12 14.73
CA VAL B 179 2.16 -9.97 15.88
C VAL B 179 3.31 -9.83 16.87
N ARG B 180 2.97 -9.66 18.14
CA ARG B 180 3.98 -9.44 19.17
C ARG B 180 4.37 -10.71 19.94
N HIS B 181 5.54 -10.68 20.58
CA HIS B 181 5.98 -11.80 21.41
C HIS B 181 4.90 -12.20 22.43
N GLY B 182 4.29 -11.23 23.09
CA GLY B 182 3.19 -11.53 24.00
C GLY B 182 2.03 -12.27 23.35
N ASN B 183 1.70 -11.93 22.10
CA ASN B 183 0.60 -12.59 21.39
C ASN B 183 0.93 -14.05 21.12
N VAL B 184 2.14 -14.30 20.64
CA VAL B 184 2.56 -15.67 20.33
C VAL B 184 2.80 -16.54 21.58
N THR B 185 3.45 -16.02 22.61
CA THR B 185 3.64 -16.83 23.81
C THR B 185 2.30 -17.06 24.49
N ALA B 186 1.37 -16.15 24.26
CA ALA B 186 0.00 -16.36 24.71
C ALA B 186 -0.60 -17.57 23.99
N LEU B 187 -0.26 -17.76 22.73
CA LEU B 187 -0.81 -18.88 21.99
C LEU B 187 -0.35 -20.18 22.63
N PHE B 188 0.96 -20.30 22.84
CA PHE B 188 1.51 -21.57 23.32
C PHE B 188 1.17 -21.81 24.78
N GLU B 189 1.03 -20.80 25.61
CA GLU B 189 0.52 -21.14 26.93
C GLU B 189 -0.95 -21.62 26.84
N ALA B 190 -1.74 -21.03 25.93
CA ALA B 190 -3.13 -21.48 25.74
C ALA B 190 -3.20 -22.93 25.27
N CYS B 191 -2.22 -23.37 24.51
CA CYS B 191 -2.27 -24.72 23.93
C CYS B 191 -1.58 -25.75 24.83
N SER B 192 -1.10 -25.30 25.98
CA SER B 192 -0.41 -26.12 26.99
C SER B 192 -1.16 -27.35 27.45
N ARG B 193 -2.35 -27.15 28.00
CA ARG B 193 -3.16 -28.24 28.55
C ARG B 193 -3.97 -28.97 27.49
N LEU B 194 -4.17 -28.30 26.35
CA LEU B 194 -5.03 -28.82 25.30
C LEU B 194 -4.34 -29.89 24.44
N PHE B 195 -3.01 -29.78 24.31
CA PHE B 195 -2.21 -30.78 23.57
C PHE B 195 -1.20 -31.47 24.49
N SER B 196 -0.84 -32.71 24.17
CA SER B 196 0.38 -33.31 24.75
C SER B 196 1.51 -33.23 23.77
N PHE B 197 2.35 -32.23 23.97
CA PHE B 197 3.57 -32.05 23.19
C PHE B 197 4.78 -32.35 24.05
N SER B 198 5.74 -33.09 23.53
CA SER B 198 6.93 -33.40 24.32
C SER B 198 8.10 -33.26 23.43
N ALA B 199 9.30 -33.34 24.00
CA ALA B 199 10.53 -33.20 23.23
C ALA B 199 10.66 -34.29 22.19
N ASP B 200 9.96 -35.39 22.38
CA ASP B 200 10.00 -36.51 21.44
C ASP B 200 9.26 -36.31 20.08
N ASP B 201 8.50 -35.22 19.93
CA ASP B 201 7.70 -35.08 18.71
C ASP B 201 8.53 -34.67 17.50
N ARG B 202 8.11 -35.11 16.32
CA ARG B 202 8.60 -34.55 15.09
C ARG B 202 7.50 -33.74 14.39
N TRP B 203 7.74 -32.44 14.27
CA TRP B 203 6.80 -31.52 13.63
C TRP B 203 7.22 -31.33 12.20
N LEU B 204 6.31 -31.54 11.27
CA LEU B 204 6.60 -31.24 9.88
C LEU B 204 6.40 -29.76 9.59
N LEU B 205 7.37 -29.11 8.96
CA LEU B 205 7.22 -27.74 8.50
C LEU B 205 6.68 -27.81 7.11
N PHE B 206 5.36 -27.88 7.00
CA PHE B 206 4.68 -28.03 5.74
C PHE B 206 4.51 -26.69 5.03
N HIS B 207 4.23 -25.64 5.79
CA HIS B 207 3.78 -24.38 5.22
C HIS B 207 4.89 -23.35 5.03
N SER B 208 4.75 -22.56 3.96
CA SER B 208 5.60 -21.39 3.71
C SER B 208 5.81 -20.54 4.95
N MET B 209 6.97 -19.93 5.09
CA MET B 209 7.23 -19.11 6.27
C MET B 209 6.51 -17.78 6.14
N ALA B 210 5.91 -17.53 4.97
CA ALA B 210 5.13 -16.31 4.74
C ALA B 210 3.71 -16.41 5.30
N PHE B 211 3.25 -17.65 5.50
CA PHE B 211 1.95 -17.96 6.06
C PHE B 211 2.09 -18.26 7.56
N ASP B 212 1.05 -18.02 8.35
CA ASP B 212 1.26 -18.06 9.79
C ASP B 212 1.06 -19.45 10.42
N PHE B 213 0.62 -20.42 9.63
CA PHE B 213 0.60 -21.79 10.06
C PHE B 213 2.05 -22.19 10.40
N SER B 214 3.01 -21.59 9.70
CA SER B 214 4.43 -21.91 9.90
C SER B 214 4.97 -21.44 11.25
N VAL B 215 4.47 -20.30 11.72
CA VAL B 215 4.83 -19.77 13.02
C VAL B 215 4.48 -20.80 14.08
N TRP B 216 3.42 -21.55 13.84
CA TRP B 216 2.91 -22.51 14.78
C TRP B 216 3.60 -23.85 14.64
N GLU B 217 4.06 -24.15 13.43
CA GLU B 217 4.79 -25.38 13.21
C GLU B 217 6.20 -25.24 13.82
N ILE B 218 6.91 -24.16 13.44
CA ILE B 218 8.23 -23.83 13.98
C ILE B 218 8.27 -23.77 15.51
N TRP B 219 7.38 -23.02 16.13
CA TRP B 219 7.44 -22.85 17.57
C TRP B 219 6.70 -23.92 18.36
N GLY B 220 6.14 -24.89 17.67
CA GLY B 220 5.56 -26.03 18.35
C GLY B 220 6.73 -26.93 18.67
N ALA B 221 7.59 -27.11 17.68
CA ALA B 221 8.85 -27.83 17.85
C ALA B 221 9.79 -27.07 18.77
N LEU B 222 10.25 -25.91 18.32
CA LEU B 222 11.31 -25.18 18.98
C LEU B 222 11.05 -24.81 20.46
N SER B 223 9.79 -24.74 20.87
CA SER B 223 9.50 -24.35 22.23
C SER B 223 9.32 -25.56 23.14
N THR B 224 9.46 -26.75 22.58
CA THR B 224 9.24 -27.97 23.34
C THR B 224 10.47 -28.87 23.34
N GLY B 225 11.45 -28.56 22.50
CA GLY B 225 12.64 -29.36 22.38
C GLY B 225 12.46 -30.47 21.38
N ALA B 226 11.41 -30.35 20.58
CA ALA B 226 11.11 -31.32 19.56
C ALA B 226 11.86 -31.00 18.29
N GLU B 227 11.66 -31.84 17.30
CA GLU B 227 12.39 -31.80 16.05
C GLU B 227 11.56 -31.18 14.94
N LEU B 228 12.17 -30.32 14.14
CA LEU B 228 11.46 -29.68 13.06
C LEU B 228 11.88 -30.29 11.73
N VAL B 229 11.01 -31.08 11.13
CA VAL B 229 11.26 -31.63 9.79
C VAL B 229 10.90 -30.60 8.71
N VAL B 230 11.85 -30.35 7.82
CA VAL B 230 11.74 -29.28 6.85
C VAL B 230 11.57 -29.87 5.47
N LEU B 231 10.60 -29.36 4.71
CA LEU B 231 10.30 -29.80 3.35
C LEU B 231 10.81 -28.80 2.32
N PRO B 232 12.03 -29.00 1.79
CA PRO B 232 12.35 -28.12 0.65
C PRO B 232 11.62 -28.57 -0.62
N THR B 238 3.51 -32.25 -3.91
CA THR B 238 3.16 -33.59 -4.39
C THR B 238 2.60 -34.46 -3.27
N PRO B 239 1.28 -34.68 -3.27
CA PRO B 239 0.60 -35.23 -2.09
C PRO B 239 1.03 -36.65 -1.75
N VAL B 240 1.42 -37.42 -2.76
CA VAL B 240 1.88 -38.78 -2.53
C VAL B 240 3.29 -38.79 -1.94
N GLU B 241 4.13 -37.87 -2.39
CA GLU B 241 5.50 -37.76 -1.87
C GLU B 241 5.51 -37.16 -0.48
N THR B 242 4.53 -36.30 -0.23
CA THR B 242 4.26 -35.80 1.11
C THR B 242 3.96 -36.95 2.07
N ALA B 243 3.12 -37.87 1.60
CA ALA B 243 2.70 -39.01 2.39
C ALA B 243 3.89 -39.87 2.77
N ARG B 244 4.81 -40.07 1.83
CA ARG B 244 6.00 -40.85 2.10
C ARG B 244 6.89 -40.19 3.14
N VAL B 245 6.98 -38.88 3.09
CA VAL B 245 7.83 -38.14 4.01
C VAL B 245 7.23 -38.16 5.43
N VAL B 246 5.92 -38.09 5.52
CA VAL B 246 5.29 -38.21 6.83
C VAL B 246 5.51 -39.62 7.39
N ARG B 247 5.45 -40.62 6.53
CA ARG B 247 5.72 -41.97 6.99
C ARG B 247 7.22 -42.17 7.29
N ASP B 248 8.08 -41.84 6.32
CA ASP B 248 9.49 -42.15 6.45
C ASP B 248 10.24 -41.30 7.49
N ARG B 249 9.68 -40.18 7.92
CA ARG B 249 10.39 -39.34 8.87
C ARG B 249 9.75 -39.37 10.24
N GLY B 250 8.81 -40.29 10.44
CA GLY B 250 8.12 -40.42 11.71
C GLY B 250 7.49 -39.15 12.26
N ILE B 251 6.86 -38.37 11.39
CA ILE B 251 6.12 -37.17 11.79
C ILE B 251 5.04 -37.52 12.81
N THR B 252 4.99 -36.77 13.90
CA THR B 252 4.06 -37.03 14.99
C THR B 252 3.02 -35.90 15.10
N VAL B 253 3.35 -34.75 14.53
CA VAL B 253 2.47 -33.59 14.55
C VAL B 253 2.39 -33.02 13.13
N LEU B 254 1.31 -33.35 12.43
CA LEU B 254 1.09 -32.82 11.07
C LEU B 254 0.07 -31.68 11.11
N ASN B 255 0.36 -30.61 10.39
CA ASN B 255 -0.61 -29.52 10.31
C ASN B 255 -1.08 -29.35 8.87
N GLN B 256 -2.39 -29.41 8.67
CA GLN B 256 -2.93 -29.36 7.34
C GLN B 256 -4.08 -28.37 7.22
N THR B 257 -4.24 -27.88 6.00
CA THR B 257 -5.48 -27.35 5.47
C THR B 257 -6.40 -28.53 5.16
N PRO B 258 -7.72 -28.35 5.31
CA PRO B 258 -8.68 -29.35 4.86
C PRO B 258 -8.46 -29.76 3.39
N THR B 259 -8.14 -28.80 2.54
CA THR B 259 -7.74 -29.03 1.16
C THR B 259 -6.55 -29.97 1.01
N ALA B 260 -5.47 -29.66 1.72
CA ALA B 260 -4.25 -30.44 1.66
C ALA B 260 -4.51 -31.81 2.24
N PHE B 261 -5.30 -31.85 3.30
CA PHE B 261 -5.59 -33.09 4.00
C PHE B 261 -6.40 -34.02 3.14
N GLY B 262 -7.19 -33.46 2.22
CA GLY B 262 -7.93 -34.26 1.28
C GLY B 262 -7.03 -34.90 0.26
N ALA B 263 -6.09 -34.15 -0.28
CA ALA B 263 -5.17 -34.75 -1.24
C ALA B 263 -4.30 -35.81 -0.54
N LEU B 264 -3.77 -35.46 0.63
CA LEU B 264 -3.05 -36.39 1.48
C LEU B 264 -3.84 -37.68 1.76
N THR B 265 -5.05 -37.54 2.31
CA THR B 265 -5.94 -38.67 2.54
C THR B 265 -6.07 -39.59 1.32
N THR B 266 -6.31 -38.99 0.15
CA THR B 266 -6.50 -39.75 -1.08
C THR B 266 -5.29 -40.58 -1.43
N ALA B 267 -4.12 -39.97 -1.28
CA ALA B 267 -2.86 -40.65 -1.54
C ALA B 267 -2.59 -41.76 -0.52
N VAL B 268 -2.87 -41.49 0.74
CA VAL B 268 -2.55 -42.43 1.80
C VAL B 268 -3.37 -43.70 1.64
N LEU B 269 -4.67 -43.52 1.42
CA LEU B 269 -5.57 -44.65 1.27
C LEU B 269 -5.30 -45.41 -0.02
N GLY B 270 -5.15 -44.66 -1.11
CA GLY B 270 -4.90 -45.25 -2.40
C GLY B 270 -3.58 -45.98 -2.49
N GLU B 271 -2.61 -45.59 -1.67
CA GLU B 271 -1.30 -46.24 -1.70
C GLU B 271 -1.16 -47.24 -0.56
N GLY B 272 -2.15 -47.25 0.33
CA GLY B 272 -2.17 -48.15 1.47
C GLY B 272 -1.17 -47.80 2.57
N ILE B 273 -0.70 -46.56 2.58
CA ILE B 273 0.28 -46.12 3.56
C ILE B 273 -0.25 -46.11 5.00
N ASP B 274 0.54 -46.69 5.91
CA ASP B 274 0.18 -46.70 7.33
C ASP B 274 0.99 -45.62 8.03
N LEU B 275 0.42 -44.99 9.05
CA LEU B 275 1.16 -43.97 9.80
C LEU B 275 1.03 -44.18 11.30
N PRO B 276 1.82 -45.12 11.85
CA PRO B 276 1.76 -45.49 13.27
C PRO B 276 2.38 -44.45 14.20
N GLU B 277 3.12 -43.50 13.64
CA GLU B 277 3.83 -42.48 14.42
C GLU B 277 3.00 -41.25 14.73
N LEU B 278 2.00 -41.00 13.87
CA LEU B 278 1.29 -39.74 13.84
C LEU B 278 0.39 -39.61 15.05
N ARG B 279 0.59 -38.56 15.83
CA ARG B 279 -0.13 -38.37 17.08
C ARG B 279 -1.21 -37.29 16.95
N TYR B 280 -0.96 -36.30 16.10
CA TYR B 280 -1.88 -35.20 15.88
C TYR B 280 -1.92 -34.81 14.42
N VAL B 281 -3.13 -34.65 13.90
CA VAL B 281 -3.38 -33.84 12.72
C VAL B 281 -4.18 -32.60 13.13
N VAL B 282 -3.66 -31.42 12.83
CA VAL B 282 -4.33 -30.20 13.23
C VAL B 282 -4.79 -29.44 12.01
N PHE B 283 -6.07 -29.05 11.99
CA PHE B 283 -6.67 -28.36 10.85
C PHE B 283 -6.77 -26.87 11.07
N GLY B 284 -6.33 -26.08 10.09
CA GLY B 284 -6.52 -24.65 10.13
C GLY B 284 -6.75 -24.06 8.74
N GLY B 285 -6.96 -22.75 8.67
CA GLY B 285 -6.98 -22.04 7.40
C GLY B 285 -8.31 -21.93 6.68
N GLU B 286 -9.10 -23.00 6.71
CA GLU B 286 -10.40 -22.98 6.06
C GLU B 286 -11.36 -23.99 6.69
N LYS B 287 -12.64 -23.82 6.38
CA LYS B 287 -13.70 -24.61 6.98
C LYS B 287 -13.55 -26.11 6.80
N LEU B 288 -13.67 -26.85 7.90
CA LEU B 288 -13.57 -28.30 7.85
C LEU B 288 -14.97 -28.91 7.87
N THR B 289 -15.28 -29.67 6.84
CA THR B 289 -16.55 -30.34 6.77
C THR B 289 -16.29 -31.81 7.05
N PRO B 290 -17.26 -32.50 7.68
CA PRO B 290 -17.07 -33.90 8.03
C PRO B 290 -16.75 -34.84 6.87
N ALA B 291 -17.24 -34.53 5.68
CA ALA B 291 -17.03 -35.40 4.54
C ALA B 291 -15.56 -35.57 4.17
N VAL B 292 -14.73 -34.54 4.27
CA VAL B 292 -13.29 -34.68 3.97
C VAL B 292 -12.58 -35.63 4.95
N VAL B 293 -13.09 -35.68 6.17
CA VAL B 293 -12.48 -36.42 7.27
C VAL B 293 -12.90 -37.90 7.33
N ARG B 294 -14.14 -38.20 6.94
CA ARG B 294 -14.72 -39.54 7.03
C ARG B 294 -13.92 -40.70 6.40
N PRO B 295 -13.29 -40.47 5.24
CA PRO B 295 -12.54 -41.64 4.73
C PRO B 295 -11.36 -42.03 5.63
N TRP B 296 -10.63 -41.02 6.05
CA TRP B 296 -9.51 -41.15 6.94
C TRP B 296 -9.91 -41.80 8.26
N ALA B 297 -10.96 -41.29 8.88
CA ALA B 297 -11.41 -41.85 10.14
C ALA B 297 -11.82 -43.31 10.00
N LYS B 298 -12.23 -43.70 8.80
CA LYS B 298 -12.64 -45.07 8.57
C LYS B 298 -11.42 -45.99 8.60
N ARG B 299 -10.28 -45.50 8.11
CA ARG B 299 -9.09 -46.32 8.05
C ARG B 299 -8.27 -46.24 9.35
N PHE B 300 -8.25 -45.09 9.99
CA PHE B 300 -7.43 -44.92 11.19
C PHE B 300 -8.21 -44.78 12.51
N GLY B 301 -9.50 -44.52 12.44
CA GLY B 301 -10.25 -44.21 13.64
C GLY B 301 -9.96 -42.77 14.03
N LEU B 302 -10.05 -42.46 15.33
CA LEU B 302 -9.97 -41.07 15.78
C LEU B 302 -9.12 -40.86 17.05
N ASP B 303 -8.47 -41.91 17.52
CA ASP B 303 -7.71 -41.83 18.77
C ASP B 303 -6.25 -41.61 18.47
N ARG B 304 -5.82 -42.09 17.32
CA ARG B 304 -4.42 -42.04 16.97
C ARG B 304 -4.24 -42.02 15.48
N PRO B 305 -3.99 -40.83 14.91
CA PRO B 305 -3.86 -39.55 15.60
C PRO B 305 -5.20 -38.94 16.03
N HIS B 306 -5.15 -38.00 16.95
CA HIS B 306 -6.26 -37.11 17.17
C HIS B 306 -6.42 -36.22 15.93
N LEU B 307 -7.66 -35.88 15.58
CA LEU B 307 -7.88 -34.87 14.54
C LEU B 307 -8.44 -33.66 15.24
N ILE B 308 -7.75 -32.52 15.13
CA ILE B 308 -8.13 -31.35 15.90
C ILE B 308 -8.45 -30.23 14.94
N ASN B 309 -9.67 -29.76 14.97
CA ASN B 309 -10.04 -28.60 14.17
C ASN B 309 -9.73 -27.36 14.97
N MET B 310 -9.12 -26.37 14.33
CA MET B 310 -8.89 -25.09 14.98
C MET B 310 -9.33 -23.95 14.08
N TYR B 311 -10.29 -23.17 14.53
CA TYR B 311 -10.58 -21.94 13.82
C TYR B 311 -9.56 -20.92 14.28
N GLY B 312 -9.13 -20.07 13.37
CA GLY B 312 -8.23 -18.99 13.73
C GLY B 312 -7.86 -18.11 12.57
N ILE B 313 -7.36 -16.93 12.91
CA ILE B 313 -7.08 -15.90 11.93
C ILE B 313 -5.77 -15.21 12.29
N THR B 314 -5.20 -14.47 11.35
CA THR B 314 -3.92 -13.83 11.59
C THR B 314 -3.98 -12.78 12.70
N GLU B 315 -5.14 -12.14 12.82
CA GLU B 315 -5.30 -11.01 13.70
C GLU B 315 -5.35 -11.41 15.16
N THR B 316 -5.49 -12.71 15.42
CA THR B 316 -5.65 -13.22 16.77
C THR B 316 -4.64 -14.36 17.00
N THR B 317 -3.56 -14.29 16.23
CA THR B 317 -2.38 -15.13 16.36
C THR B 317 -2.63 -16.60 16.06
N VAL B 318 -2.72 -16.87 14.77
CA VAL B 318 -2.77 -18.23 14.23
C VAL B 318 -4.05 -19.00 14.57
N HIS B 319 -4.24 -19.36 15.85
CA HIS B 319 -5.33 -20.22 16.26
C HIS B 319 -6.21 -19.57 17.29
N ALA B 320 -7.53 -19.81 17.24
CA ALA B 320 -8.43 -19.18 18.21
C ALA B 320 -9.36 -20.16 18.90
N THR B 321 -9.62 -21.31 18.30
CA THR B 321 -10.48 -22.28 18.91
C THR B 321 -9.83 -23.64 18.86
N PHE B 322 -10.42 -24.59 19.58
CA PHE B 322 -9.99 -25.97 19.64
C PHE B 322 -11.19 -26.95 19.61
N HIS B 323 -11.21 -27.88 18.66
CA HIS B 323 -12.16 -28.99 18.75
C HIS B 323 -11.50 -30.29 18.35
N ARG B 324 -11.63 -31.32 19.16
CA ARG B 324 -11.21 -32.67 18.75
C ARG B 324 -12.38 -33.37 18.06
N LEU B 325 -12.18 -33.92 16.88
CA LEU B 325 -13.30 -34.57 16.18
C LEU B 325 -13.72 -35.89 16.83
N THR B 326 -15.02 -36.07 17.05
CA THR B 326 -15.55 -37.30 17.60
C THR B 326 -16.41 -38.04 16.59
N GLU B 327 -17.05 -39.11 17.04
CA GLU B 327 -17.92 -39.90 16.19
C GLU B 327 -19.12 -39.08 15.77
N ASP B 328 -19.55 -38.21 16.68
CA ASP B 328 -20.70 -37.36 16.45
C ASP B 328 -20.46 -36.37 15.32
N ASP B 329 -19.24 -35.85 15.21
CA ASP B 329 -18.91 -34.89 14.17
C ASP B 329 -19.07 -35.52 12.79
N LEU B 330 -18.70 -36.78 12.67
CA LEU B 330 -18.78 -37.48 11.40
C LEU B 330 -20.20 -37.98 11.11
N ALA B 331 -21.02 -38.08 12.14
CA ALA B 331 -22.40 -38.41 11.93
C ALA B 331 -23.13 -37.21 11.30
N ALA B 332 -22.84 -36.00 11.78
CA ALA B 332 -23.52 -34.80 11.29
C ALA B 332 -22.85 -34.14 10.09
N GLU B 333 -23.22 -32.90 9.83
CA GLU B 333 -22.69 -32.19 8.67
C GLU B 333 -22.21 -30.82 9.09
N ASP B 334 -22.34 -30.55 10.38
CA ASP B 334 -21.84 -29.31 10.95
C ASP B 334 -20.33 -29.28 11.02
N SER B 335 -19.78 -28.08 10.87
CA SER B 335 -18.36 -27.82 11.04
C SER B 335 -18.13 -27.30 12.46
N VAL B 336 -17.87 -28.19 13.39
CA VAL B 336 -17.65 -27.80 14.77
C VAL B 336 -16.23 -27.24 14.94
N ILE B 337 -16.13 -26.08 15.58
CA ILE B 337 -14.84 -25.48 15.86
C ILE B 337 -14.58 -25.38 17.37
N GLY B 338 -15.56 -25.79 18.16
CA GLY B 338 -15.37 -25.98 19.59
C GLY B 338 -15.38 -24.73 20.43
N ARG B 339 -14.55 -24.71 21.46
CA ARG B 339 -14.47 -23.56 22.33
C ARG B 339 -13.27 -22.70 22.00
N PRO B 340 -13.39 -21.39 22.23
CA PRO B 340 -12.18 -20.60 22.04
C PRO B 340 -11.12 -20.95 23.09
N LEU B 341 -9.86 -20.69 22.77
CA LEU B 341 -8.72 -20.99 23.64
C LEU B 341 -8.78 -20.17 24.93
N PRO B 342 -8.25 -20.76 26.03
CA PRO B 342 -8.19 -20.19 27.38
C PRO B 342 -8.06 -18.66 27.53
N GLY B 343 -7.19 -17.99 26.81
CA GLY B 343 -7.15 -16.55 27.01
C GLY B 343 -8.28 -15.68 26.45
N PHE B 344 -9.10 -16.23 25.55
CA PHE B 344 -10.15 -15.46 24.90
C PHE B 344 -11.46 -15.32 25.66
N THR B 345 -12.04 -14.13 25.58
CA THR B 345 -13.48 -13.98 25.72
C THR B 345 -14.04 -13.79 24.31
N HIS B 346 -15.35 -13.98 24.14
CA HIS B 346 -15.98 -13.86 22.82
C HIS B 346 -17.41 -13.38 22.89
N ARG B 347 -17.90 -12.91 21.75
CA ARG B 347 -19.31 -12.60 21.53
C ARG B 347 -19.70 -13.14 20.16
N ILE B 348 -20.96 -13.55 20.03
CA ILE B 348 -21.54 -13.85 18.73
C ILE B 348 -22.56 -12.73 18.50
N VAL B 349 -22.35 -11.94 17.45
CA VAL B 349 -23.07 -10.68 17.33
C VAL B 349 -23.90 -10.57 16.05
N THR B 350 -25.21 -10.43 16.22
CA THR B 350 -26.14 -10.33 15.10
C THR B 350 -25.98 -9.08 14.24
N GLU B 351 -26.54 -9.12 13.03
CA GLU B 351 -26.60 -7.96 12.14
C GLU B 351 -27.20 -6.76 12.86
N ASP B 352 -28.24 -7.00 13.68
CA ASP B 352 -28.86 -5.91 14.43
C ASP B 352 -28.08 -5.63 15.74
N GLY B 353 -26.92 -6.25 15.89
CA GLY B 353 -25.99 -5.93 16.95
C GLY B 353 -26.28 -6.52 18.31
N ARG B 354 -26.93 -7.70 18.34
CA ARG B 354 -27.24 -8.40 19.58
C ARG B 354 -26.26 -9.53 19.84
N ASP B 355 -26.21 -9.95 21.10
CA ASP B 355 -25.65 -11.24 21.45
C ASP B 355 -26.58 -12.37 20.99
N ALA B 356 -26.27 -12.97 19.86
CA ALA B 356 -27.14 -14.01 19.29
C ALA B 356 -27.57 -15.07 20.30
N ALA B 357 -28.81 -15.52 20.18
CA ALA B 357 -29.32 -16.58 21.02
C ALA B 357 -28.87 -17.92 20.48
N THR B 358 -28.85 -18.93 21.35
CA THR B 358 -28.41 -20.28 20.98
C THR B 358 -29.02 -20.71 19.68
N GLY B 359 -28.15 -21.14 18.77
CA GLY B 359 -28.57 -21.61 17.46
C GLY B 359 -28.63 -20.50 16.43
N GLU B 360 -28.57 -19.25 16.88
CA GLU B 360 -28.69 -18.14 15.94
C GLU B 360 -27.33 -17.68 15.43
N PRO B 361 -27.16 -17.63 14.11
CA PRO B 361 -25.93 -17.15 13.48
C PRO B 361 -25.57 -15.71 13.83
N GLY B 362 -24.28 -15.42 13.89
CA GLY B 362 -23.79 -14.10 14.22
C GLY B 362 -22.29 -14.06 14.01
N GLU B 363 -21.75 -12.86 14.05
CA GLU B 363 -20.34 -12.69 13.81
C GLU B 363 -19.56 -13.01 15.07
N LEU B 364 -18.48 -13.76 14.92
CA LEU B 364 -17.60 -14.06 16.03
C LEU B 364 -16.76 -12.87 16.38
N TRP B 365 -16.74 -12.46 17.64
CA TRP B 365 -15.87 -11.39 18.13
C TRP B 365 -14.90 -11.93 19.18
N LEU B 366 -13.60 -11.71 19.01
CA LEU B 366 -12.63 -12.27 19.96
C LEU B 366 -11.74 -11.23 20.68
N ALA B 367 -11.71 -11.32 22.00
CA ALA B 367 -10.81 -10.52 22.83
C ALA B 367 -9.85 -11.41 23.63
N GLY B 368 -8.68 -10.87 23.97
CA GLY B 368 -7.70 -11.59 24.75
C GLY B 368 -6.26 -11.37 24.28
N PRO B 369 -5.31 -11.88 25.06
CA PRO B 369 -3.86 -11.70 24.88
C PRO B 369 -3.33 -12.01 23.49
N GLN B 370 -3.97 -12.91 22.75
CA GLN B 370 -3.56 -13.22 21.38
C GLN B 370 -4.05 -12.22 20.34
N VAL B 371 -4.90 -11.27 20.73
CA VAL B 371 -5.46 -10.34 19.77
C VAL B 371 -4.46 -9.26 19.42
N SER B 372 -4.09 -9.20 18.16
CA SER B 372 -3.15 -8.20 17.70
C SER B 372 -3.55 -6.76 18.05
N GLU B 373 -2.65 -5.82 17.82
CA GLU B 373 -2.90 -4.42 18.16
C GLU B 373 -3.56 -3.67 17.01
N GLY B 374 -3.65 -4.31 15.84
CA GLY B 374 -4.33 -3.72 14.71
C GLY B 374 -3.55 -3.97 13.45
N TYR B 375 -3.95 -3.35 12.34
CA TYR B 375 -3.21 -3.52 11.12
C TYR B 375 -2.05 -2.55 11.06
N LEU B 376 -1.12 -2.85 10.17
CA LEU B 376 -0.09 -1.91 9.79
C LEU B 376 -0.61 -0.93 8.73
N ASN B 377 -0.64 0.35 9.06
CA ASN B 377 -0.95 1.37 8.07
C ASN B 377 -2.35 1.22 7.48
N ARG B 378 -3.29 0.71 8.25
CA ARG B 378 -4.68 0.59 7.83
C ARG B 378 -5.58 1.14 8.93
N PRO B 379 -5.41 2.41 9.29
CA PRO B 379 -6.07 2.97 10.48
C PRO B 379 -7.59 2.99 10.44
N GLU B 380 -8.22 3.08 9.27
CA GLU B 380 -9.68 3.00 9.19
C GLU B 380 -10.16 1.58 9.49
N LEU B 381 -9.55 0.61 8.82
CA LEU B 381 -9.84 -0.79 9.06
C LEU B 381 -9.67 -1.24 10.51
N THR B 382 -8.54 -0.88 11.12
CA THR B 382 -8.28 -1.19 12.54
C THR B 382 -9.41 -0.67 13.45
N ALA B 383 -9.84 0.57 13.22
CA ALA B 383 -10.93 1.17 13.98
C ALA B 383 -12.27 0.49 13.72
N GLU B 384 -12.47 -0.04 12.52
CA GLU B 384 -13.67 -0.82 12.24
C GLU B 384 -13.66 -2.14 13.01
N ARG B 385 -12.55 -2.87 12.91
CA ARG B 385 -12.52 -4.26 13.29
C ARG B 385 -11.96 -4.54 14.69
N PHE B 386 -11.39 -3.55 15.34
CA PHE B 386 -10.93 -3.68 16.73
C PHE B 386 -11.61 -2.58 17.56
N THR B 387 -12.56 -2.99 18.41
CA THR B 387 -13.43 -2.05 19.13
C THR B 387 -13.47 -2.32 20.64
N THR B 388 -13.80 -1.31 21.42
CA THR B 388 -13.74 -1.41 22.88
C THR B 388 -15.11 -1.51 23.58
N GLY B 389 -15.31 -2.59 24.32
CA GLY B 389 -16.55 -2.79 25.07
C GLY B 389 -16.69 -1.84 26.26
N PRO B 399 -12.66 -4.44 27.41
CA PRO B 399 -12.36 -5.63 26.60
C PRO B 399 -12.39 -5.31 25.11
N ARG B 400 -11.23 -5.35 24.49
CA ARG B 400 -11.05 -4.94 23.11
C ARG B 400 -11.19 -6.09 22.14
N TYR B 401 -12.22 -6.05 21.30
CA TYR B 401 -12.59 -7.15 20.40
C TYR B 401 -12.12 -7.01 18.97
N TYR B 402 -11.78 -8.12 18.34
CA TYR B 402 -11.53 -8.14 16.91
C TYR B 402 -12.74 -8.72 16.19
N HIS B 403 -13.23 -7.99 15.19
CA HIS B 403 -14.41 -8.41 14.47
C HIS B 403 -14.02 -9.40 13.37
N SER B 404 -14.37 -10.65 13.57
CA SER B 404 -13.92 -11.74 12.72
C SER B 404 -14.37 -11.70 11.24
N GLY B 405 -15.52 -11.09 10.99
CA GLY B 405 -16.16 -11.20 9.69
C GLY B 405 -16.63 -12.61 9.41
N ASP B 406 -16.63 -13.47 10.42
CA ASP B 406 -17.05 -14.85 10.22
C ASP B 406 -18.26 -15.17 11.05
N LEU B 407 -19.13 -16.01 10.47
CA LEU B 407 -20.40 -16.40 11.06
C LEU B 407 -20.31 -17.76 11.73
N VAL B 408 -20.70 -17.77 13.00
CA VAL B 408 -20.72 -18.97 13.81
C VAL B 408 -22.02 -18.96 14.56
N SER B 409 -22.50 -20.12 14.94
CA SER B 409 -23.61 -20.17 15.87
C SER B 409 -23.18 -21.07 17.02
N ARG B 410 -23.71 -20.83 18.22
CA ARG B 410 -23.36 -21.64 19.36
C ARG B 410 -24.41 -22.70 19.61
N ARG B 411 -24.03 -23.96 19.52
CA ARG B 411 -24.98 -25.03 19.79
C ARG B 411 -25.20 -25.10 21.28
N ALA B 412 -26.23 -25.84 21.69
CA ALA B 412 -26.50 -26.05 23.11
C ALA B 412 -25.40 -26.92 23.71
N GLY B 413 -24.88 -26.51 24.86
CA GLY B 413 -23.80 -27.24 25.46
C GLY B 413 -22.46 -26.62 25.13
N GLY B 414 -22.51 -25.42 24.53
CA GLY B 414 -21.35 -24.57 24.47
C GLY B 414 -20.52 -24.47 23.19
N ASP B 415 -20.52 -25.53 22.38
CA ASP B 415 -19.61 -25.59 21.24
C ASP B 415 -19.97 -24.57 20.18
N LEU B 416 -19.00 -24.13 19.40
CA LEU B 416 -19.28 -23.24 18.29
C LEU B 416 -19.30 -24.04 17.01
N VAL B 417 -20.27 -23.73 16.15
CA VAL B 417 -20.41 -24.33 14.83
C VAL B 417 -20.02 -23.27 13.80
N TYR B 418 -19.25 -23.64 12.79
CA TYR B 418 -18.80 -22.67 11.82
C TYR B 418 -19.65 -22.65 10.52
N GLN B 419 -20.32 -21.53 10.26
CA GLN B 419 -21.14 -21.45 9.05
C GLN B 419 -20.34 -20.96 7.84
N GLY B 420 -19.62 -19.85 7.97
CA GLY B 420 -18.85 -19.33 6.85
C GLY B 420 -18.53 -17.86 6.97
N ARG B 421 -17.71 -17.38 6.05
CA ARG B 421 -17.35 -15.97 6.02
C ARG B 421 -18.56 -15.18 5.61
N ALA B 422 -18.83 -14.10 6.32
CA ALA B 422 -19.99 -13.26 6.02
C ALA B 422 -20.03 -12.84 4.54
N ASP B 423 -18.89 -12.46 4.00
CA ASP B 423 -18.79 -11.93 2.64
C ASP B 423 -18.91 -13.00 1.56
N LEU B 424 -18.82 -14.27 1.94
CA LEU B 424 -18.99 -15.36 1.00
C LEU B 424 -20.37 -15.98 1.14
N GLN B 425 -21.21 -15.37 1.95
CA GLN B 425 -22.60 -15.79 2.01
C GLN B 425 -23.38 -15.01 0.97
N VAL B 426 -23.73 -15.65 -0.13
CA VAL B 426 -24.33 -14.93 -1.23
C VAL B 426 -25.78 -15.31 -1.42
N LYS B 427 -26.51 -14.41 -2.07
CA LYS B 427 -27.92 -14.61 -2.29
C LYS B 427 -28.22 -14.71 -3.78
N LEU B 428 -28.70 -15.87 -4.20
CA LEU B 428 -29.04 -16.15 -5.59
C LEU B 428 -30.46 -16.65 -5.69
N ARG B 429 -31.37 -15.76 -6.06
CA ARG B 429 -32.78 -16.08 -6.21
C ARG B 429 -33.40 -16.68 -4.96
N GLY B 430 -33.35 -15.96 -3.86
CA GLY B 430 -34.07 -16.34 -2.66
C GLY B 430 -33.38 -17.36 -1.79
N HIS B 431 -32.33 -18.01 -2.29
CA HIS B 431 -31.55 -18.90 -1.44
C HIS B 431 -30.22 -18.28 -1.03
N ARG B 432 -29.96 -18.25 0.27
CA ARG B 432 -28.63 -17.95 0.77
C ARG B 432 -27.71 -19.11 0.42
N ILE B 433 -26.56 -18.79 -0.14
CA ILE B 433 -25.61 -19.83 -0.47
C ILE B 433 -24.30 -19.58 0.24
N GLU B 434 -23.81 -20.62 0.89
CA GLU B 434 -22.49 -20.58 1.49
C GLU B 434 -21.50 -21.12 0.49
N LEU B 435 -20.68 -20.27 -0.08
CA LEU B 435 -19.77 -20.68 -1.14
C LEU B 435 -18.80 -21.79 -0.68
N SER B 436 -18.43 -21.79 0.59
CA SER B 436 -17.59 -22.83 1.17
C SER B 436 -18.15 -24.23 1.01
N ASP B 437 -19.43 -24.38 1.35
CA ASP B 437 -20.14 -25.64 1.23
C ASP B 437 -20.13 -26.21 -0.18
N VAL B 438 -20.08 -25.35 -1.19
CA VAL B 438 -20.00 -25.77 -2.58
C VAL B 438 -18.60 -26.31 -2.89
N GLU B 439 -17.60 -25.53 -2.52
CA GLU B 439 -16.20 -25.89 -2.66
C GLU B 439 -15.86 -27.19 -1.91
N ALA B 440 -16.28 -27.28 -0.66
CA ALA B 440 -16.11 -28.52 0.10
C ALA B 440 -16.65 -29.74 -0.69
N ALA B 441 -17.82 -29.61 -1.28
CA ALA B 441 -18.43 -30.70 -2.03
C ALA B 441 -17.67 -31.07 -3.32
N VAL B 442 -17.17 -30.09 -4.06
CA VAL B 442 -16.38 -30.37 -5.25
C VAL B 442 -15.10 -31.14 -4.86
N ARG B 443 -14.36 -30.63 -3.87
CA ARG B 443 -13.13 -31.28 -3.38
C ARG B 443 -13.34 -32.74 -2.97
N THR B 444 -14.51 -33.06 -2.43
CA THR B 444 -14.88 -34.42 -2.04
C THR B 444 -14.67 -35.46 -3.13
N HIS B 445 -14.52 -35.00 -4.36
CA HIS B 445 -14.27 -35.92 -5.43
C HIS B 445 -12.82 -36.41 -5.42
N PRO B 446 -12.61 -37.72 -5.48
CA PRO B 446 -11.25 -38.28 -5.38
C PRO B 446 -10.20 -37.60 -6.22
N ALA B 447 -10.59 -37.05 -7.36
CA ALA B 447 -9.61 -36.55 -8.31
C ALA B 447 -9.43 -35.03 -8.27
N VAL B 448 -10.17 -34.37 -7.39
CA VAL B 448 -10.06 -32.93 -7.24
C VAL B 448 -9.25 -32.60 -5.98
N VAL B 449 -8.24 -31.73 -6.10
CA VAL B 449 -7.54 -31.26 -4.92
C VAL B 449 -8.26 -30.05 -4.38
N ASP B 450 -8.06 -28.92 -5.06
CA ASP B 450 -8.61 -27.65 -4.64
C ASP B 450 -9.80 -27.18 -5.52
N ALA B 451 -10.69 -26.36 -4.96
CA ALA B 451 -11.79 -25.77 -5.72
C ALA B 451 -12.07 -24.37 -5.23
N VAL B 452 -12.36 -23.46 -6.14
CA VAL B 452 -12.83 -22.14 -5.72
C VAL B 452 -14.17 -21.81 -6.43
N VAL B 453 -15.17 -21.39 -5.66
CA VAL B 453 -16.49 -21.14 -6.24
C VAL B 453 -16.91 -19.69 -6.03
N TRP B 454 -17.46 -19.06 -7.07
CA TRP B 454 -17.94 -17.67 -6.95
C TRP B 454 -19.15 -17.38 -7.82
N VAL B 455 -19.70 -16.18 -7.64
CA VAL B 455 -20.81 -15.71 -8.46
C VAL B 455 -20.30 -14.87 -9.62
N HIS B 456 -20.55 -15.28 -10.85
CA HIS B 456 -20.01 -14.54 -11.99
C HIS B 456 -21.09 -13.81 -12.76
N GLU B 457 -20.85 -12.53 -13.06
CA GLU B 457 -21.82 -11.71 -13.80
C GLU B 457 -21.58 -11.83 -15.29
N PHE B 458 -22.30 -12.76 -15.92
CA PHE B 458 -22.13 -13.01 -17.34
C PHE B 458 -22.65 -11.84 -18.15
N ALA B 459 -23.90 -11.49 -17.89
CA ALA B 459 -24.58 -10.41 -18.57
C ALA B 459 -24.96 -9.36 -17.53
N PRO B 460 -25.34 -8.16 -17.99
CA PRO B 460 -25.91 -7.22 -17.01
C PRO B 460 -27.10 -7.85 -16.31
N GLY B 461 -27.11 -7.81 -15.00
CA GLY B 461 -28.21 -8.38 -14.23
C GLY B 461 -28.28 -9.91 -14.26
N ASP B 462 -27.26 -10.58 -14.77
CA ASP B 462 -27.29 -12.04 -14.86
C ASP B 462 -26.03 -12.73 -14.33
N SER B 463 -26.22 -13.40 -13.20
CA SER B 463 -25.13 -13.98 -12.48
C SER B 463 -25.37 -15.44 -12.24
N ARG B 464 -24.30 -16.23 -12.31
CA ARG B 464 -24.42 -17.62 -11.90
C ARG B 464 -23.14 -18.13 -11.26
N LEU B 465 -23.30 -19.27 -10.60
CA LEU B 465 -22.24 -19.93 -9.86
C LEU B 465 -21.23 -20.59 -10.77
N VAL B 466 -19.97 -20.23 -10.60
CA VAL B 466 -18.88 -20.81 -11.35
C VAL B 466 -17.88 -21.46 -10.37
N CYS B 467 -17.20 -22.52 -10.83
CA CYS B 467 -16.21 -23.24 -10.05
C CYS B 467 -14.92 -23.45 -10.84
N ALA B 468 -13.79 -23.07 -10.24
CA ALA B 468 -12.49 -23.41 -10.77
C ALA B 468 -11.86 -24.45 -9.84
N TYR B 469 -11.28 -25.49 -10.41
CA TYR B 469 -10.76 -26.57 -9.58
C TYR B 469 -9.44 -27.10 -10.12
N THR B 470 -8.63 -27.67 -9.23
CA THR B 470 -7.36 -28.31 -9.58
C THR B 470 -7.41 -29.82 -9.37
N ALA B 471 -6.54 -30.54 -10.08
CA ALA B 471 -6.65 -31.99 -10.18
C ALA B 471 -5.50 -32.74 -9.51
N GLN B 472 -5.85 -33.76 -8.71
CA GLN B 472 -4.89 -34.69 -8.16
C GLN B 472 -3.93 -35.24 -9.20
N GLY B 479 -6.28 -35.82 -15.39
CA GLY B 479 -7.23 -35.04 -14.61
C GLY B 479 -8.65 -35.44 -14.94
N PRO B 480 -9.59 -35.20 -14.02
CA PRO B 480 -10.98 -35.61 -14.22
C PRO B 480 -11.74 -34.71 -15.20
N ASP B 481 -12.63 -35.28 -16.02
CA ASP B 481 -13.42 -34.44 -16.89
C ASP B 481 -14.50 -33.76 -16.07
N ALA B 482 -15.11 -32.71 -16.60
CA ALA B 482 -16.08 -31.97 -15.80
C ALA B 482 -17.36 -32.75 -15.60
N ARG B 483 -17.63 -33.72 -16.47
CA ARG B 483 -18.89 -34.45 -16.43
C ARG B 483 -19.01 -35.37 -15.21
N ALA B 484 -17.93 -36.07 -14.89
CA ALA B 484 -17.90 -36.93 -13.70
C ALA B 484 -17.94 -36.08 -12.43
N LEU B 485 -17.33 -34.90 -12.50
CA LEU B 485 -17.44 -33.96 -11.39
C LEU B 485 -18.90 -33.55 -11.16
N ARG B 486 -19.62 -33.23 -12.24
CA ARG B 486 -21.02 -32.85 -12.15
C ARG B 486 -21.85 -33.98 -11.58
N ALA B 487 -21.69 -35.16 -12.15
CA ALA B 487 -22.35 -36.35 -11.65
C ALA B 487 -22.21 -36.47 -10.16
N HIS B 488 -20.96 -36.30 -9.69
CA HIS B 488 -20.68 -36.42 -8.27
C HIS B 488 -21.39 -35.34 -7.46
N VAL B 489 -21.07 -34.08 -7.74
CA VAL B 489 -21.65 -32.93 -7.04
C VAL B 489 -23.19 -32.95 -6.94
N LYS B 490 -23.87 -33.42 -8.00
CA LYS B 490 -25.34 -33.49 -8.01
C LYS B 490 -25.89 -34.30 -6.83
N THR B 491 -25.17 -35.37 -6.51
CA THR B 491 -25.54 -36.27 -5.44
C THR B 491 -25.49 -35.59 -4.08
N VAL B 492 -24.50 -34.70 -3.93
CA VAL B 492 -24.18 -34.09 -2.64
C VAL B 492 -24.91 -32.77 -2.43
N LEU B 493 -25.11 -31.99 -3.48
CA LEU B 493 -25.65 -30.64 -3.30
C LEU B 493 -27.06 -30.47 -3.88
N PRO B 494 -27.86 -29.59 -3.26
CA PRO B 494 -29.15 -29.22 -3.83
C PRO B 494 -28.97 -28.39 -5.09
N SER B 495 -29.80 -28.57 -6.11
CA SER B 495 -29.63 -27.92 -7.41
C SER B 495 -29.25 -26.43 -7.36
N TYR B 496 -29.76 -25.68 -6.39
CA TYR B 496 -29.51 -24.24 -6.37
C TYR B 496 -28.06 -23.93 -5.98
N MET B 497 -27.37 -24.91 -5.44
CA MET B 497 -25.97 -24.78 -5.02
C MET B 497 -24.99 -25.40 -6.02
N GLN B 498 -25.52 -26.04 -7.05
CA GLN B 498 -24.67 -26.71 -8.03
C GLN B 498 -24.08 -25.70 -8.99
N PRO B 499 -22.77 -25.79 -9.25
CA PRO B 499 -22.14 -24.86 -10.18
C PRO B 499 -22.63 -25.08 -11.61
N SER B 500 -22.74 -24.00 -12.36
CA SER B 500 -23.30 -24.07 -13.69
C SER B 500 -22.19 -24.29 -14.71
N GLN B 501 -20.98 -23.84 -14.39
CA GLN B 501 -19.84 -24.05 -15.26
C GLN B 501 -18.54 -24.38 -14.51
N TYR B 502 -17.78 -25.36 -15.02
CA TYR B 502 -16.52 -25.78 -14.42
C TYR B 502 -15.31 -25.45 -15.27
N LEU B 503 -14.29 -24.90 -14.62
CA LEU B 503 -13.04 -24.53 -15.27
C LEU B 503 -11.82 -25.22 -14.61
N ALA B 504 -11.11 -26.03 -15.38
CA ALA B 504 -9.98 -26.79 -14.85
C ALA B 504 -8.66 -26.03 -14.96
N LEU B 505 -7.94 -25.88 -13.86
CA LEU B 505 -6.69 -25.14 -13.89
C LEU B 505 -5.51 -25.95 -13.32
N PRO B 506 -4.32 -25.74 -13.88
CA PRO B 506 -3.13 -26.42 -13.33
C PRO B 506 -2.89 -26.00 -11.89
N GLU B 507 -3.00 -24.70 -11.62
CA GLU B 507 -2.96 -24.20 -10.25
C GLU B 507 -3.90 -23.02 -10.05
N LEU B 508 -4.52 -22.95 -8.88
CA LEU B 508 -5.33 -21.78 -8.54
C LEU B 508 -4.42 -20.61 -8.19
N PRO B 509 -4.78 -19.42 -8.66
CA PRO B 509 -3.99 -18.23 -8.30
C PRO B 509 -4.21 -17.87 -6.83
N ARG B 510 -3.18 -17.35 -6.16
CA ARG B 510 -3.21 -17.21 -4.70
C ARG B 510 -3.01 -15.78 -4.20
N THR B 511 -3.63 -15.47 -3.06
CA THR B 511 -3.37 -14.24 -2.30
C THR B 511 -2.00 -14.28 -1.59
N ILE B 512 -1.59 -13.17 -0.96
CA ILE B 512 -0.38 -13.14 -0.15
C ILE B 512 -0.39 -14.17 0.96
N ASN B 513 -1.55 -14.52 1.50
CA ASN B 513 -1.60 -15.49 2.58
C ASN B 513 -1.97 -16.89 2.15
N GLY B 514 -1.91 -17.14 0.84
CA GLY B 514 -2.13 -18.48 0.31
C GLY B 514 -3.54 -18.91 -0.06
N LYS B 515 -4.51 -18.03 0.12
CA LYS B 515 -5.91 -18.28 -0.22
CA LYS B 515 -5.88 -18.36 -0.23
C LYS B 515 -6.12 -18.08 -1.73
N ALA B 516 -7.10 -18.77 -2.32
CA ALA B 516 -7.37 -18.61 -3.76
C ALA B 516 -7.79 -17.18 -4.06
N ASP B 517 -7.16 -16.59 -5.06
CA ASP B 517 -7.46 -15.22 -5.45
C ASP B 517 -8.75 -15.17 -6.32
N ARG B 518 -9.86 -14.79 -5.70
CA ARG B 518 -11.14 -14.86 -6.37
C ARG B 518 -11.28 -13.83 -7.49
N ALA B 519 -10.77 -12.63 -7.26
CA ALA B 519 -10.75 -11.63 -8.29
C ALA B 519 -9.94 -12.15 -9.47
N SER B 520 -8.82 -12.79 -9.16
CA SER B 520 -7.93 -13.30 -10.20
C SER B 520 -8.53 -14.44 -11.03
N VAL B 521 -9.23 -15.40 -10.40
CA VAL B 521 -9.86 -16.49 -11.17
C VAL B 521 -11.03 -16.01 -12.03
N ALA B 522 -11.79 -15.04 -11.56
CA ALA B 522 -12.91 -14.51 -12.30
C ALA B 522 -12.42 -13.94 -13.62
N ARG B 523 -11.26 -13.32 -13.57
CA ARG B 523 -10.64 -12.70 -14.73
C ARG B 523 -10.06 -13.75 -15.67
N ALA B 524 -9.48 -14.79 -15.09
CA ALA B 524 -8.95 -15.90 -15.89
C ALA B 524 -10.06 -16.61 -16.62
N PHE B 525 -11.21 -16.66 -15.97
CA PHE B 525 -12.37 -17.32 -16.50
C PHE B 525 -12.94 -16.49 -17.67
N ASP B 526 -13.07 -15.18 -17.47
CA ASP B 526 -13.55 -14.30 -18.53
C ASP B 526 -12.71 -14.38 -19.81
N GLU B 527 -11.40 -14.54 -19.66
CA GLU B 527 -10.54 -14.47 -20.83
C GLU B 527 -10.36 -15.84 -21.46
N ARG B 528 -10.85 -16.85 -20.78
CA ARG B 528 -10.75 -18.21 -21.28
C ARG B 528 -12.10 -18.73 -21.82
N ARG B 529 -13.20 -18.13 -21.36
CA ARG B 529 -14.52 -18.64 -21.70
C ARG B 529 -14.89 -18.33 -23.15
C ACT C . -4.19 41.24 -16.75
O ACT C . -3.04 41.42 -17.16
OXT ACT C . -5.07 40.93 -17.58
CH3 ACT C . -4.54 41.41 -15.30
C ACT D . -4.71 -20.05 9.99
O ACT D . -3.69 -20.60 9.52
OXT ACT D . -5.67 -20.80 10.28
CH3 ACT D . -4.81 -18.57 10.19
C ACT E . -9.57 -34.89 -2.63
O ACT E . -9.88 -34.47 -1.49
OXT ACT E . -10.48 -35.04 -3.45
CH3 ACT E . -8.16 -35.21 -3.02
#